data_9GE6
#
_entry.id   9GE6
#
_cell.length_a   1.00
_cell.length_b   1.00
_cell.length_c   1.00
_cell.angle_alpha   90.00
_cell.angle_beta   90.00
_cell.angle_gamma   90.00
#
_symmetry.space_group_name_H-M   'P 1'
#
loop_
_entity.id
_entity.type
_entity.pdbx_description
1 polymer 'Uncharacterized ABC transporter permease YbbP'
2 polymer 'Uncharacterized ABC transporter ATP-binding protein YbbA'
#
loop_
_entity_poly.entity_id
_entity_poly.type
_entity_poly.pdbx_seq_one_letter_code
_entity_poly.pdbx_strand_id
1 'polypeptide(L)'
;MIARWFWREWRSPSLLIVWLALSLAVACVLALGNISDRMEKGLSQQSREFMAGDRALRSSREVPQAWLEEAQKRGLKVGK
QLTFATMTFAGDTPQLANVKAVDDIYPMYGDLQTNPPGLKPQAGSVLLAPRLMALLNLKTGDTIDVGDATLRIAGEVIQE
PDSGFNPFQMAPRLMMNLADVDKTGAVQPGSRVTWRYKFGGNENQLDGYEKWLLPQLKPEQRWYGLEQDEGALGRSMERS
QQFLLLSALLTLLLAVAAVAVAMNHYCRSRYDLVAILKTLGAGRAQLRKLIVGQWLMVLTLSAVTGGAIGLLFENVLMVL
LKPVLPAALPPASLWPWLWALGTMTVISLLVGLRPYRLLLATQPLRVLRNDVVANVWPLKFYLPIVSVVVVLLLAGLMGG
SMLLWAVLAGAVVLALLCGVLGWMLLNVLRRMTLKSLPLRLAVSRLLRQPWSTLSQLSAFSLSFMLLALLLVLRGDLLDR
WQQQLPPESPNYFLINIATEQVAPLKAFLAEHQIVPESFYPVVRARLTAINDKPTEGNEDEALNRELNLTWQNTRPDHNP
IVAGNWPPKADEVSMEEGLAKRLNVALGDTVTFMGDTQEFRAKVTSLRKVDWESLRPNFYFIFPEGALDGQPQSWLTSFR
WENGNGMLTQLNRQFPTISLLDIGAILKQVGQVLEQVSRALEVMVVLVTACGMLLLLAQVQVGMRQRHQELVVWRTLGAG
KKLLRTTLWCEFAMLGFVSGLVAAIGAETALAVLQAKVFDFPWEPDWRLWIVLPCSGALLLSLFGGWLGARLVKGKALFR
QFAG
;
A
2 'polypeptide(L)'
;MGSSHHHHHHSQDPMPAENIVEVHHLKKSVGQGEHELSILTGVELVVKRGETIALVGESGSGKSTLLAILAGLDDGSSGE
VSLVGQPLHNMDEEARAKLRAKHVGFVFQSFMLIPTLNALENVELPALLRGESSAESRNGAKALLEQLGLGKRLDHLPAQ
LSGGEQQRVALARAFNGRPDVLFADEPTGNLDRQTGDKIADLLFSLNREHGTTLIMVTHDLQLAARCDRCLRLVNGQLQE
EA
;
B,C
#
# COMPACT_ATOMS: atom_id res chain seq x y z
N MET A 1 -23.74 18.18 17.62
CA MET A 1 -24.23 17.80 16.29
C MET A 1 -23.07 17.32 15.43
N ILE A 2 -22.21 18.25 15.04
CA ILE A 2 -21.07 17.91 14.19
C ILE A 2 -20.19 16.88 14.87
N ALA A 3 -20.12 16.91 16.20
CA ALA A 3 -19.35 15.89 16.92
C ALA A 3 -19.92 14.50 16.67
N ARG A 4 -21.25 14.37 16.79
CA ARG A 4 -21.88 13.10 16.49
C ARG A 4 -21.68 12.71 15.04
N TRP A 5 -21.79 13.69 14.13
CA TRP A 5 -21.56 13.41 12.71
C TRP A 5 -20.19 12.82 12.50
N PHE A 6 -19.16 13.48 13.03
CA PHE A 6 -17.79 13.00 12.82
C PHE A 6 -17.60 11.63 13.45
N TRP A 7 -18.11 11.44 14.66
CA TRP A 7 -17.90 10.17 15.34
C TRP A 7 -18.57 9.03 14.58
N ARG A 8 -19.77 9.24 14.06
CA ARG A 8 -20.46 8.18 13.36
C ARG A 8 -19.89 7.97 11.96
N GLU A 9 -19.43 9.03 11.31
CA GLU A 9 -18.85 8.89 9.99
C GLU A 9 -17.47 8.26 10.04
N TRP A 10 -16.76 8.44 11.16
CA TRP A 10 -15.42 7.90 11.28
C TRP A 10 -15.41 6.38 11.32
N ARG A 11 -16.56 5.75 11.60
CA ARG A 11 -16.64 4.31 11.60
C ARG A 11 -16.77 3.74 10.20
N SER A 12 -16.95 4.57 9.18
CA SER A 12 -17.06 4.06 7.83
C SER A 12 -15.74 3.42 7.41
N PRO A 13 -15.78 2.24 6.79
CA PRO A 13 -14.53 1.53 6.50
C PRO A 13 -13.56 2.32 5.63
N SER A 14 -14.07 3.03 4.63
CA SER A 14 -13.16 3.75 3.73
C SER A 14 -12.52 4.93 4.45
N LEU A 15 -13.29 5.72 5.19
CA LEU A 15 -12.71 6.82 5.92
C LEU A 15 -11.76 6.32 7.01
N LEU A 16 -12.13 5.23 7.67
CA LEU A 16 -11.27 4.66 8.71
C LEU A 16 -9.94 4.22 8.13
N ILE A 17 -9.97 3.54 6.98
CA ILE A 17 -8.73 3.11 6.37
C ILE A 17 -7.93 4.30 5.87
N VAL A 18 -8.60 5.35 5.40
CA VAL A 18 -7.86 6.54 5.00
C VAL A 18 -7.13 7.14 6.19
N TRP A 19 -7.83 7.23 7.32
CA TRP A 19 -7.19 7.77 8.52
C TRP A 19 -6.01 6.92 8.95
N LEU A 20 -6.18 5.60 8.95
CA LEU A 20 -5.10 4.76 9.44
C LEU A 20 -3.94 4.73 8.44
N ALA A 21 -4.23 4.87 7.15
CA ALA A 21 -3.16 4.93 6.16
C ALA A 21 -2.37 6.21 6.30
N LEU A 22 -3.04 7.35 6.50
CA LEU A 22 -2.30 8.58 6.76
C LEU A 22 -1.53 8.48 8.07
N SER A 23 -2.11 7.82 9.08
CA SER A 23 -1.40 7.63 10.33
C SER A 23 -0.12 6.84 10.11
N LEU A 24 -0.21 5.76 9.34
CA LEU A 24 0.98 4.96 9.07
C LEU A 24 1.99 5.74 8.24
N ALA A 25 1.52 6.55 7.29
CA ALA A 25 2.42 7.35 6.48
C ALA A 25 3.17 8.36 7.33
N VAL A 26 2.44 9.11 8.16
CA VAL A 26 3.10 10.09 9.01
C VAL A 26 3.99 9.40 10.02
N ALA A 27 3.59 8.21 10.49
CA ALA A 27 4.42 7.49 11.45
C ALA A 27 5.73 7.06 10.82
N CYS A 28 5.67 6.45 9.64
CA CYS A 28 6.90 5.97 9.00
C CYS A 28 7.79 7.15 8.62
N VAL A 29 7.21 8.21 8.06
CA VAL A 29 8.05 9.33 7.66
C VAL A 29 8.64 10.01 8.90
N LEU A 30 7.86 10.12 9.98
CA LEU A 30 8.37 10.75 11.19
C LEU A 30 9.49 9.92 11.80
N ALA A 31 9.28 8.61 11.89
CA ALA A 31 10.31 7.75 12.48
C ALA A 31 11.58 7.76 11.65
N LEU A 32 11.44 7.64 10.33
CA LEU A 32 12.63 7.58 9.49
C LEU A 32 13.36 8.92 9.46
N GLY A 33 12.62 10.02 9.26
CA GLY A 33 13.24 11.32 9.32
C GLY A 33 13.83 11.63 10.67
N ASN A 34 13.21 11.12 11.73
CA ASN A 34 13.73 11.34 13.07
C ASN A 34 15.03 10.59 13.28
N ILE A 35 15.10 9.35 12.81
CA ILE A 35 16.35 8.60 12.91
C ILE A 35 17.42 9.28 12.08
N SER A 36 17.06 9.75 10.89
CA SER A 36 18.02 10.45 10.05
C SER A 36 18.52 11.72 10.72
N ASP A 37 17.62 12.47 11.36
CA ASP A 37 18.03 13.70 12.02
C ASP A 37 18.85 13.41 13.27
N ARG A 38 18.54 12.32 13.97
CA ARG A 38 19.38 11.93 15.09
C ARG A 38 20.78 11.57 14.60
N MET A 39 20.87 10.86 13.48
CA MET A 39 22.17 10.58 12.89
C MET A 39 22.90 11.87 12.52
N GLU A 40 22.19 12.79 11.87
CA GLU A 40 22.84 14.01 11.41
C GLU A 40 23.27 14.89 12.57
N LYS A 41 22.44 15.01 13.60
CA LYS A 41 22.80 15.77 14.79
C LYS A 41 23.97 15.11 15.50
N GLY A 42 23.95 13.78 15.60
CA GLY A 42 25.09 13.09 16.19
C GLY A 42 26.37 13.35 15.44
N LEU A 43 26.32 13.24 14.11
CA LEU A 43 27.53 13.46 13.31
C LEU A 43 27.99 14.91 13.37
N SER A 44 27.07 15.86 13.42
CA SER A 44 27.49 17.26 13.52
C SER A 44 28.12 17.57 14.88
N GLN A 45 27.47 17.15 15.97
CA GLN A 45 28.04 17.37 17.29
C GLN A 45 29.35 16.61 17.46
N GLN A 46 29.46 15.44 16.84
CA GLN A 46 30.70 14.70 16.86
C GLN A 46 31.79 15.43 16.09
N SER A 47 31.49 15.85 14.86
CA SER A 47 32.45 16.66 14.11
C SER A 47 32.87 17.88 14.91
N ARG A 48 31.98 18.38 15.76
CA ARG A 48 32.38 19.37 16.76
C ARG A 48 33.37 18.77 17.77
N GLU A 49 33.14 17.52 18.21
CA GLU A 49 33.96 16.98 19.28
C GLU A 49 34.53 15.56 19.05
N PHE A 50 34.33 14.94 17.87
CA PHE A 50 35.39 14.09 17.34
C PHE A 50 36.66 14.91 17.21
N MET A 51 36.54 16.05 16.55
CA MET A 51 37.66 16.96 16.37
C MET A 51 38.17 17.51 17.69
N ALA A 52 37.26 17.92 18.58
CA ALA A 52 37.63 18.66 19.78
C ALA A 52 38.42 19.91 19.41
N GLY A 53 38.05 20.53 18.30
CA GLY A 53 38.80 21.67 17.79
C GLY A 53 38.29 22.04 16.41
N ASP A 54 39.20 22.51 15.57
CA ASP A 54 38.84 22.85 14.20
C ASP A 54 39.76 22.28 13.13
N ARG A 55 41.05 22.08 13.40
CA ARG A 55 41.99 21.68 12.36
C ARG A 55 42.83 20.48 12.83
N ALA A 56 42.81 19.42 12.03
CA ALA A 56 43.48 18.17 12.38
C ALA A 56 44.42 17.76 11.25
N LEU A 57 45.48 17.06 11.64
CA LEU A 57 46.50 16.58 10.71
C LEU A 57 46.65 15.07 10.90
N ARG A 58 46.48 14.32 9.83
CA ARG A 58 46.67 12.88 9.85
C ARG A 58 47.92 12.52 9.06
N SER A 59 48.58 11.44 9.49
CA SER A 59 49.81 11.03 8.85
C SER A 59 50.04 9.55 9.11
N SER A 60 50.88 8.95 8.27
CA SER A 60 51.36 7.60 8.48
C SER A 60 52.65 7.57 9.30
N ARG A 61 53.18 8.73 9.68
CA ARG A 61 54.40 8.84 10.46
C ARG A 61 54.22 9.92 11.50
N GLU A 62 55.01 9.82 12.57
CA GLU A 62 54.97 10.82 13.64
C GLU A 62 55.58 12.12 13.13
N VAL A 63 54.78 13.19 13.14
CA VAL A 63 55.23 14.49 12.66
C VAL A 63 56.22 15.07 13.67
N PRO A 64 57.08 16.00 13.27
CA PRO A 64 58.04 16.57 14.22
C PRO A 64 57.34 17.25 15.39
N GLN A 65 57.96 17.13 16.58
CA GLN A 65 57.43 17.76 17.77
C GLN A 65 57.45 19.27 17.69
N ALA A 66 58.26 19.84 16.79
CA ALA A 66 58.35 21.29 16.66
C ALA A 66 57.01 21.88 16.25
N TRP A 67 56.28 21.21 15.36
CA TRP A 67 54.97 21.71 14.94
C TRP A 67 53.98 21.69 16.11
N LEU A 68 54.00 20.63 16.92
CA LEU A 68 53.13 20.57 18.08
C LEU A 68 53.48 21.66 19.09
N GLU A 69 54.78 21.92 19.28
CA GLU A 69 55.19 22.99 20.18
C GLU A 69 54.76 24.36 19.64
N GLU A 70 54.82 24.53 18.32
CA GLU A 70 54.33 25.76 17.72
C GLU A 70 52.83 25.93 17.95
N ALA A 71 52.07 24.84 17.82
CA ALA A 71 50.65 24.90 18.13
C ALA A 71 50.42 25.25 19.60
N GLN A 72 51.20 24.65 20.50
CA GLN A 72 51.04 24.90 21.92
C GLN A 72 51.32 26.35 22.27
N LYS A 73 52.42 26.91 21.75
CA LYS A 73 52.74 28.30 22.02
C LYS A 73 51.76 29.25 21.33
N ARG A 74 51.02 28.76 20.34
CA ARG A 74 49.96 29.54 19.71
C ARG A 74 48.65 29.51 20.49
N GLY A 75 48.70 29.13 21.77
CA GLY A 75 47.49 29.06 22.57
C GLY A 75 46.48 28.06 22.06
N LEU A 76 46.94 26.88 21.65
CA LEU A 76 46.06 25.85 21.09
C LEU A 76 46.24 24.56 21.85
N LYS A 77 45.13 23.89 22.14
CA LYS A 77 45.16 22.59 22.79
C LYS A 77 45.41 21.51 21.76
N VAL A 78 46.36 20.61 22.05
CA VAL A 78 46.78 19.57 21.12
C VAL A 78 46.26 18.24 21.64
N GLY A 79 45.54 17.51 20.79
CA GLY A 79 45.04 16.18 21.11
C GLY A 79 45.75 15.14 20.25
N LYS A 80 46.19 14.07 20.89
CA LYS A 80 47.00 13.03 20.25
C LYS A 80 46.16 11.78 20.05
N GLN A 81 46.22 11.19 18.86
CA GLN A 81 45.61 9.90 18.60
C GLN A 81 46.54 9.08 17.72
N LEU A 82 46.58 7.77 17.96
CA LEU A 82 47.41 6.87 17.17
C LEU A 82 46.64 5.56 16.98
N THR A 83 46.14 5.34 15.78
CA THR A 83 45.38 4.13 15.48
C THR A 83 46.30 3.06 14.93
N PHE A 84 46.12 1.82 15.39
CA PHE A 84 46.99 0.72 15.04
C PHE A 84 46.22 -0.59 15.18
N ALA A 85 46.73 -1.65 14.58
CA ALA A 85 46.09 -2.97 14.63
C ALA A 85 47.08 -4.00 15.16
N THR A 86 46.68 -4.75 16.17
CA THR A 86 47.55 -5.73 16.80
C THR A 86 46.68 -6.86 17.34
N MET A 87 47.22 -7.67 18.24
CA MET A 87 46.52 -8.81 18.80
C MET A 87 46.34 -8.67 20.30
N THR A 88 45.38 -9.43 20.82
CA THR A 88 45.04 -9.48 22.22
C THR A 88 44.94 -10.93 22.67
N PHE A 89 45.09 -11.15 23.97
CA PHE A 89 45.11 -12.48 24.55
C PHE A 89 43.84 -12.71 25.34
N ALA A 90 43.07 -13.73 24.97
CA ALA A 90 41.98 -14.22 25.81
C ALA A 90 42.45 -15.37 26.69
N GLY A 91 43.53 -15.12 27.43
CA GLY A 91 44.23 -16.20 28.10
C GLY A 91 45.28 -16.77 27.15
N ASP A 92 44.94 -17.87 26.48
CA ASP A 92 45.79 -18.44 25.45
C ASP A 92 45.13 -18.35 24.07
N THR A 93 44.15 -17.47 23.90
CA THR A 93 43.42 -17.33 22.65
C THR A 93 43.74 -15.98 22.02
N PRO A 94 44.56 -15.93 20.99
CA PRO A 94 44.85 -14.65 20.32
C PRO A 94 43.65 -14.17 19.52
N GLN A 95 43.55 -12.85 19.38
CA GLN A 95 42.47 -12.26 18.60
C GLN A 95 42.88 -10.89 18.10
N LEU A 96 42.65 -10.63 16.82
CA LEU A 96 42.98 -9.33 16.24
C LEU A 96 42.09 -8.24 16.80
N ALA A 97 42.67 -7.07 17.05
CA ALA A 97 41.93 -5.94 17.58
C ALA A 97 42.65 -4.65 17.22
N ASN A 98 41.90 -3.56 17.18
CA ASN A 98 42.42 -2.24 16.84
C ASN A 98 42.66 -1.45 18.12
N VAL A 99 43.89 -1.03 18.31
CA VAL A 99 44.29 -0.22 19.46
C VAL A 99 44.33 1.24 19.05
N LYS A 100 44.07 2.12 20.02
CA LYS A 100 44.15 3.56 19.82
C LYS A 100 44.88 4.17 21.01
N ALA A 101 45.92 4.93 20.71
CA ALA A 101 46.72 5.61 21.72
C ALA A 101 46.25 7.05 21.84
N VAL A 102 45.84 7.44 23.04
CA VAL A 102 45.37 8.79 23.30
C VAL A 102 46.02 9.31 24.58
N ASP A 103 46.35 10.60 24.58
CA ASP A 103 46.96 11.24 25.74
C ASP A 103 45.88 11.57 26.77
N ASP A 104 46.33 12.01 27.95
CA ASP A 104 45.42 12.37 29.02
C ASP A 104 44.58 13.60 28.69
N ILE A 105 45.03 14.43 27.74
CA ILE A 105 44.26 15.61 27.37
C ILE A 105 42.92 15.20 26.78
N TYR A 106 42.93 14.23 25.88
CA TYR A 106 41.69 13.71 25.33
C TYR A 106 40.91 12.96 26.41
N PRO A 107 39.58 13.11 26.45
CA PRO A 107 38.75 13.98 25.61
C PRO A 107 38.64 15.41 26.15
N MET A 108 39.24 16.37 25.47
CA MET A 108 39.12 17.77 25.86
C MET A 108 37.83 18.41 25.36
N TYR A 109 37.06 17.70 24.54
CA TYR A 109 35.72 18.13 24.16
C TYR A 109 34.81 16.91 24.18
N GLY A 110 33.52 17.16 24.39
CA GLY A 110 32.58 16.06 24.49
C GLY A 110 32.77 15.26 25.76
N ASP A 111 32.18 14.07 25.75
CA ASP A 111 32.21 13.18 26.89
C ASP A 111 32.57 11.76 26.45
N LEU A 112 33.26 11.05 27.33
CA LEU A 112 33.67 9.66 27.08
C LEU A 112 32.72 8.72 27.81
N GLN A 113 32.25 7.70 27.10
CA GLN A 113 31.28 6.75 27.63
C GLN A 113 31.97 5.40 27.81
N THR A 114 32.23 5.04 29.07
CA THR A 114 32.87 3.77 29.40
C THR A 114 32.02 3.05 30.44
N ASN A 115 32.32 1.76 30.63
CA ASN A 115 31.66 0.96 31.67
C ASN A 115 32.73 0.37 32.57
N PRO A 116 32.92 0.92 33.77
CA PRO A 116 32.21 2.05 34.39
C PRO A 116 32.57 3.39 33.75
N PRO A 117 31.72 4.40 33.90
CA PRO A 117 32.01 5.71 33.29
C PRO A 117 33.11 6.43 34.04
N GLY A 118 33.53 7.55 33.45
CA GLY A 118 34.56 8.38 34.06
C GLY A 118 35.92 7.70 34.14
N LEU A 119 36.31 6.97 33.11
CA LEU A 119 37.60 6.31 33.07
C LEU A 119 38.48 6.95 32.02
N LYS A 120 39.78 6.83 32.21
CA LYS A 120 40.78 7.33 31.26
C LYS A 120 41.86 6.27 31.09
N PRO A 121 42.57 6.30 29.97
CA PRO A 121 43.69 5.35 29.80
C PRO A 121 44.90 5.75 30.63
N GLN A 122 45.16 5.01 31.70
CA GLN A 122 46.32 5.26 32.54
C GLN A 122 47.39 4.23 32.24
N ALA A 123 48.52 4.35 32.94
CA ALA A 123 49.60 3.38 32.78
C ALA A 123 49.15 2.02 33.29
N GLY A 124 49.32 0.99 32.46
CA GLY A 124 48.91 -0.34 32.82
C GLY A 124 47.44 -0.63 32.67
N SER A 125 46.65 0.33 32.19
CA SER A 125 45.21 0.17 32.05
C SER A 125 44.82 0.21 30.58
N VAL A 126 43.87 -0.64 30.21
CA VAL A 126 43.34 -0.68 28.86
C VAL A 126 41.82 -0.74 28.92
N LEU A 127 41.18 -0.06 27.98
CA LEU A 127 39.73 -0.11 27.81
C LEU A 127 39.42 -0.87 26.53
N LEU A 128 38.39 -1.70 26.57
CA LEU A 128 38.10 -2.64 25.50
C LEU A 128 36.63 -2.59 25.13
N ALA A 129 36.35 -2.90 23.87
CA ALA A 129 34.97 -2.93 23.39
C ALA A 129 34.23 -4.12 24.01
N PRO A 130 32.95 -3.93 24.34
CA PRO A 130 32.18 -5.04 24.95
C PRO A 130 32.10 -6.28 24.08
N ARG A 131 32.05 -6.11 22.76
CA ARG A 131 32.02 -7.27 21.88
C ARG A 131 33.27 -8.11 22.04
N LEU A 132 34.42 -7.47 22.21
CA LEU A 132 35.66 -8.21 22.43
C LEU A 132 35.59 -9.00 23.73
N MET A 133 35.07 -8.39 24.79
CA MET A 133 34.90 -9.11 26.05
C MET A 133 33.99 -10.32 25.88
N ALA A 134 32.91 -10.15 25.13
CA ALA A 134 32.05 -11.29 24.83
C ALA A 134 32.82 -12.37 24.09
N LEU A 135 33.68 -11.97 23.14
CA LEU A 135 34.48 -12.95 22.40
C LEU A 135 35.64 -13.49 23.23
N LEU A 136 36.24 -12.65 24.07
CA LEU A 136 37.43 -13.04 24.82
C LEU A 136 37.12 -13.54 26.22
N ASN A 137 35.84 -13.69 26.56
CA ASN A 137 35.36 -14.21 27.86
C ASN A 137 36.06 -13.54 29.05
N LEU A 138 36.52 -12.31 28.87
CA LEU A 138 37.16 -11.55 29.93
C LEU A 138 36.18 -10.53 30.51
N LYS A 139 36.49 -10.05 31.71
CA LYS A 139 35.62 -9.13 32.42
C LYS A 139 36.43 -7.94 32.91
N THR A 140 35.69 -6.91 33.35
CA THR A 140 36.33 -5.72 33.88
C THR A 140 37.15 -6.04 35.12
N GLY A 141 38.33 -5.44 35.22
CA GLY A 141 39.23 -5.67 36.32
C GLY A 141 40.23 -6.79 36.09
N ASP A 142 40.11 -7.53 35.01
CA ASP A 142 41.07 -8.58 34.68
C ASP A 142 42.29 -7.96 34.00
N THR A 143 43.29 -8.79 33.72
CA THR A 143 44.50 -8.35 33.03
C THR A 143 44.57 -9.08 31.69
N ILE A 144 44.76 -8.32 30.62
CA ILE A 144 44.81 -8.84 29.27
C ILE A 144 46.16 -8.51 28.67
N ASP A 145 46.72 -9.45 27.90
CA ASP A 145 47.99 -9.25 27.22
C ASP A 145 47.73 -8.68 25.83
N VAL A 146 48.39 -7.58 25.52
CA VAL A 146 48.37 -6.97 24.21
C VAL A 146 49.82 -6.82 23.74
N GLY A 147 50.09 -7.24 22.52
CA GLY A 147 51.43 -7.14 21.97
C GLY A 147 52.46 -7.84 22.83
N ASP A 148 53.30 -7.07 23.52
CA ASP A 148 54.34 -7.61 24.39
C ASP A 148 54.21 -7.08 25.81
N ALA A 149 52.99 -6.76 26.24
CA ALA A 149 52.75 -6.31 27.60
C ALA A 149 51.41 -6.86 28.09
N THR A 150 51.22 -6.83 29.40
CA THR A 150 49.98 -7.26 30.02
C THR A 150 49.45 -6.13 30.89
N LEU A 151 48.28 -5.60 30.54
CA LEU A 151 47.70 -4.46 31.23
C LEU A 151 46.31 -4.80 31.73
N ARG A 152 45.94 -4.22 32.87
CA ARG A 152 44.66 -4.51 33.49
C ARG A 152 43.51 -3.86 32.74
N ILE A 153 42.38 -4.54 32.71
CA ILE A 153 41.17 -4.06 32.05
C ILE A 153 40.53 -3.02 32.97
N ALA A 154 40.66 -1.74 32.60
CA ALA A 154 40.04 -0.68 33.39
C ALA A 154 38.52 -0.73 33.30
N GLY A 155 37.99 -0.98 32.12
CA GLY A 155 36.55 -1.03 31.93
C GLY A 155 36.21 -1.24 30.47
N GLU A 156 34.90 -1.24 30.21
CA GLU A 156 34.38 -1.43 28.87
C GLU A 156 34.41 -0.11 28.09
N VAL A 157 34.19 -0.21 26.80
CA VAL A 157 34.13 0.94 25.91
C VAL A 157 32.70 1.04 25.40
N ILE A 158 31.86 1.80 26.11
CA ILE A 158 30.48 1.97 25.69
C ILE A 158 30.41 2.75 24.38
N GLN A 159 31.08 3.89 24.33
CA GLN A 159 31.08 4.76 23.16
C GLN A 159 32.13 5.85 23.39
N GLU A 160 32.91 6.14 22.37
CA GLU A 160 33.94 7.13 22.61
C GLU A 160 33.69 8.40 21.81
N PRO A 161 34.12 9.56 22.33
CA PRO A 161 34.02 10.79 21.55
C PRO A 161 34.89 10.79 20.30
N ASP A 162 35.87 9.88 20.20
CA ASP A 162 36.67 9.74 18.99
C ASP A 162 36.42 8.41 18.28
N SER A 163 35.38 7.68 18.67
CA SER A 163 35.03 6.41 18.04
C SER A 163 33.97 6.65 16.98
N GLY A 164 34.28 6.31 15.74
CA GLY A 164 33.44 6.63 14.61
C GLY A 164 32.25 5.71 14.46
N PHE A 165 31.62 5.80 13.29
CA PHE A 165 30.44 5.00 12.93
C PHE A 165 30.85 4.06 11.80
N ASN A 166 31.34 2.88 12.17
CA ASN A 166 31.80 1.88 11.21
C ASN A 166 31.12 0.55 11.54
N PRO A 167 29.89 0.35 11.07
CA PRO A 167 29.24 -0.95 11.30
C PRO A 167 30.01 -2.12 10.72
N PHE A 168 30.64 -1.94 9.57
CA PHE A 168 31.43 -3.00 8.96
C PHE A 168 32.88 -2.97 9.46
N GLN A 169 33.02 -2.98 10.77
CA GLN A 169 34.34 -2.90 11.38
C GLN A 169 34.96 -4.27 11.49
N MET A 170 36.28 -4.32 11.37
CA MET A 170 37.02 -5.58 11.40
C MET A 170 37.63 -5.90 12.76
N ALA A 171 37.86 -4.88 13.60
CA ALA A 171 38.50 -5.09 14.89
C ALA A 171 37.80 -4.27 15.95
N PRO A 172 37.83 -4.73 17.20
CA PRO A 172 37.25 -3.94 18.30
C PRO A 172 38.12 -2.74 18.64
N ARG A 173 37.75 -2.00 19.68
CA ARG A 173 38.47 -0.80 20.08
C ARG A 173 39.22 -1.03 21.38
N LEU A 174 40.47 -0.59 21.41
CA LEU A 174 41.36 -0.72 22.57
C LEU A 174 41.88 0.67 22.91
N MET A 175 41.14 1.38 23.76
CA MET A 175 41.60 2.69 24.22
C MET A 175 42.74 2.53 25.21
N MET A 176 43.86 3.20 24.94
CA MET A 176 45.02 3.10 25.82
C MET A 176 45.99 4.22 25.44
N ASN A 177 46.92 4.52 26.35
CA ASN A 177 47.67 5.76 26.28
C ASN A 177 49.07 5.58 25.69
N LEU A 178 49.67 6.70 25.28
CA LEU A 178 50.92 6.67 24.54
C LEU A 178 52.06 6.07 25.37
N ALA A 179 52.09 6.37 26.66
CA ALA A 179 53.16 5.84 27.52
C ALA A 179 53.13 4.32 27.52
N ASP A 180 51.94 3.73 27.64
CA ASP A 180 51.85 2.27 27.57
C ASP A 180 52.16 1.76 26.17
N VAL A 181 51.92 2.57 25.13
CA VAL A 181 52.31 2.20 23.77
C VAL A 181 53.82 2.01 23.69
N ASP A 182 54.56 2.98 24.24
CA ASP A 182 56.01 2.82 24.27
C ASP A 182 56.44 1.70 25.21
N LYS A 183 55.66 1.45 26.26
CA LYS A 183 56.01 0.42 27.23
C LYS A 183 55.86 -0.99 26.67
N THR A 184 54.84 -1.22 25.84
CA THR A 184 54.61 -2.56 25.30
C THR A 184 55.80 -3.05 24.48
N GLY A 185 56.33 -2.19 23.61
CA GLY A 185 57.39 -2.58 22.72
C GLY A 185 56.94 -3.35 21.50
N ALA A 186 55.64 -3.59 21.35
CA ALA A 186 55.12 -4.28 20.18
C ALA A 186 54.95 -3.37 18.98
N VAL A 187 55.04 -2.06 19.17
CA VAL A 187 54.93 -1.12 18.06
C VAL A 187 56.22 -1.16 17.25
N GLN A 188 56.07 -1.32 15.93
CA GLN A 188 57.23 -1.42 15.06
C GLN A 188 57.24 -0.27 14.05
N PRO A 189 58.41 0.23 13.67
CA PRO A 189 58.47 1.32 12.70
C PRO A 189 57.95 0.86 11.34
N GLY A 190 57.30 1.78 10.63
CA GLY A 190 56.72 1.48 9.34
C GLY A 190 55.48 0.62 9.38
N SER A 191 55.00 0.27 10.56
CA SER A 191 53.82 -0.58 10.68
C SER A 191 52.57 0.19 10.28
N ARG A 192 51.42 -0.48 10.34
CA ARG A 192 50.16 0.15 10.00
C ARG A 192 49.71 1.05 11.15
N VAL A 193 50.46 2.14 11.32
CA VAL A 193 50.17 3.16 12.31
C VAL A 193 49.54 4.34 11.62
N THR A 194 48.77 5.13 12.36
CA THR A 194 48.19 6.36 11.83
C THR A 194 48.11 7.38 12.95
N TRP A 195 48.85 8.48 12.81
CA TRP A 195 48.87 9.54 13.80
C TRP A 195 47.87 10.63 13.40
N ARG A 196 46.94 10.93 14.30
CA ARG A 196 45.92 11.95 14.09
C ARG A 196 46.04 12.98 15.21
N TYR A 197 46.40 14.20 14.84
CA TYR A 197 46.61 15.28 15.80
C TYR A 197 45.52 16.32 15.62
N LYS A 198 44.77 16.58 16.68
CA LYS A 198 43.70 17.57 16.67
C LYS A 198 44.21 18.87 17.31
N PHE A 199 43.74 20.00 16.80
CA PHE A 199 44.09 21.29 17.40
C PHE A 199 42.82 22.05 17.72
N GLY A 200 42.72 22.55 18.95
CA GLY A 200 41.55 23.26 19.40
C GLY A 200 41.89 24.61 19.97
N GLY A 201 40.91 25.49 19.98
CA GLY A 201 41.07 26.84 20.48
C GLY A 201 40.22 27.80 19.67
N ASN A 202 40.57 29.08 19.77
CA ASN A 202 39.87 30.09 19.00
C ASN A 202 40.21 29.96 17.51
N GLU A 203 39.34 30.54 16.68
CA GLU A 203 39.43 30.31 15.23
C GLU A 203 40.69 30.93 14.64
N ASN A 204 41.03 32.15 15.05
CA ASN A 204 42.12 32.88 14.39
C ASN A 204 43.46 32.20 14.60
N GLN A 205 43.75 31.77 15.83
CA GLN A 205 45.02 31.09 16.10
C GLN A 205 45.09 29.77 15.34
N LEU A 206 43.98 29.03 15.29
CA LEU A 206 43.96 27.78 14.53
C LEU A 206 44.21 28.03 13.06
N ASP A 207 43.59 29.07 12.50
CA ASP A 207 43.81 29.39 11.08
C ASP A 207 45.26 29.79 10.83
N GLY A 208 45.83 30.58 11.73
CA GLY A 208 47.24 30.94 11.58
C GLY A 208 48.16 29.75 11.63
N TYR A 209 47.91 28.84 12.57
CA TYR A 209 48.72 27.63 12.66
C TYR A 209 48.55 26.76 11.42
N GLU A 210 47.32 26.67 10.90
CA GLU A 210 47.08 25.89 9.68
C GLU A 210 47.84 26.49 8.51
N LYS A 211 47.81 27.81 8.37
CA LYS A 211 48.54 28.47 7.29
C LYS A 211 50.04 28.27 7.45
N TRP A 212 50.53 28.34 8.69
CA TRP A 212 51.95 28.14 8.94
C TRP A 212 52.40 26.72 8.59
N LEU A 213 51.58 25.73 8.93
CA LEU A 213 51.94 24.33 8.72
C LEU A 213 51.56 23.81 7.34
N LEU A 214 50.80 24.58 6.56
CA LEU A 214 50.45 24.15 5.20
C LEU A 214 51.67 23.82 4.34
N PRO A 215 52.71 24.66 4.26
CA PRO A 215 53.88 24.28 3.45
C PRO A 215 54.61 23.06 3.97
N GLN A 216 54.43 22.70 5.24
CA GLN A 216 55.14 21.58 5.86
C GLN A 216 54.29 20.33 5.93
N LEU A 217 53.45 20.08 4.92
CA LEU A 217 52.58 18.92 4.88
C LEU A 217 53.11 17.93 3.84
N LYS A 218 53.44 16.73 4.30
CA LYS A 218 53.83 15.66 3.41
C LYS A 218 52.60 15.10 2.69
N PRO A 219 52.80 14.45 1.53
CA PRO A 219 51.66 13.78 0.88
C PRO A 219 51.04 12.70 1.74
N GLU A 220 51.78 12.12 2.68
CA GLU A 220 51.20 11.16 3.63
C GLU A 220 50.42 11.82 4.74
N GLN A 221 50.46 13.15 4.84
CA GLN A 221 49.75 13.89 5.87
C GLN A 221 48.65 14.73 5.23
N ARG A 222 47.43 14.58 5.73
CA ARG A 222 46.28 15.33 5.25
C ARG A 222 45.79 16.27 6.35
N TRP A 223 45.54 17.52 5.98
CA TRP A 223 45.01 18.52 6.89
C TRP A 223 43.53 18.71 6.60
N TYR A 224 42.70 18.57 7.63
CA TYR A 224 41.26 18.62 7.45
C TYR A 224 40.62 19.37 8.60
N GLY A 225 39.33 19.69 8.43
CA GLY A 225 38.60 20.46 9.42
C GLY A 225 37.35 19.77 9.92
N LEU A 226 36.29 20.55 10.14
CA LEU A 226 35.06 19.99 10.68
C LEU A 226 34.39 19.02 9.70
N GLU A 227 34.23 19.45 8.45
CA GLU A 227 33.58 18.62 7.43
C GLU A 227 34.56 18.06 6.41
N GLN A 228 35.86 18.35 6.53
CA GLN A 228 36.84 17.84 5.59
C GLN A 228 37.30 16.43 5.92
N ASP A 229 36.89 15.88 7.07
CA ASP A 229 37.22 14.50 7.43
C ASP A 229 36.16 13.55 6.90
N GLU A 230 36.08 13.49 5.57
CA GLU A 230 35.08 12.69 4.85
C GLU A 230 35.82 11.71 3.96
N GLY A 231 36.15 10.53 4.50
CA GLY A 231 36.75 9.47 3.72
C GLY A 231 35.75 8.38 3.39
N ALA A 232 35.91 7.23 4.03
CA ALA A 232 34.93 6.15 3.90
C ALA A 232 33.77 6.30 4.88
N LEU A 233 34.01 6.95 6.02
CA LEU A 233 32.93 7.17 6.98
C LEU A 233 31.85 8.08 6.41
N GLY A 234 32.26 9.15 5.72
CA GLY A 234 31.29 10.03 5.11
C GLY A 234 30.45 9.34 4.05
N ARG A 235 31.09 8.53 3.21
CA ARG A 235 30.36 7.76 2.21
C ARG A 235 29.41 6.77 2.88
N SER A 236 29.86 6.11 3.96
CA SER A 236 29.01 5.15 4.64
C SER A 236 27.78 5.83 5.25
N MET A 237 27.97 6.96 5.91
CA MET A 237 26.83 7.65 6.51
C MET A 237 25.89 8.21 5.45
N GLU A 238 26.44 8.73 4.35
CA GLU A 238 25.59 9.21 3.27
C GLU A 238 24.79 8.06 2.66
N ARG A 239 25.42 6.90 2.49
CA ARG A 239 24.71 5.74 1.96
C ARG A 239 23.61 5.28 2.93
N SER A 240 23.88 5.33 4.23
CA SER A 240 22.84 4.99 5.20
C SER A 240 21.67 5.96 5.12
N GLN A 241 21.97 7.25 5.02
CA GLN A 241 20.90 8.24 4.88
C GLN A 241 20.09 7.99 3.61
N GLN A 242 20.78 7.71 2.50
CA GLN A 242 20.09 7.45 1.25
C GLN A 242 19.22 6.21 1.35
N PHE A 243 19.72 5.17 2.02
CA PHE A 243 18.95 3.94 2.17
C PHE A 243 17.69 4.16 2.99
N LEU A 244 17.82 4.86 4.11
CA LEU A 244 16.63 5.11 4.92
C LEU A 244 15.64 6.01 4.20
N LEU A 245 16.14 7.00 3.46
CA LEU A 245 15.25 7.84 2.65
C LEU A 245 14.55 7.02 1.59
N LEU A 246 15.26 6.07 0.98
CA LEU A 246 14.65 5.18 0.01
C LEU A 246 13.51 4.38 0.63
N SER A 247 13.76 3.80 1.80
CA SER A 247 12.73 3.00 2.44
C SER A 247 11.52 3.84 2.80
N ALA A 248 11.76 5.05 3.33
CA ALA A 248 10.67 5.94 3.66
C ALA A 248 9.89 6.34 2.41
N LEU A 249 10.60 6.61 1.32
CA LEU A 249 9.93 6.99 0.08
C LEU A 249 9.07 5.86 -0.44
N LEU A 250 9.57 4.63 -0.39
CA LEU A 250 8.79 3.48 -0.84
C LEU A 250 7.52 3.32 -0.02
N THR A 251 7.66 3.34 1.31
CA THR A 251 6.48 3.11 2.13
C THR A 251 5.49 4.26 2.02
N LEU A 252 5.97 5.50 1.87
CA LEU A 252 5.03 6.59 1.72
C LEU A 252 4.36 6.56 0.35
N LEU A 253 5.06 6.09 -0.69
CA LEU A 253 4.40 5.92 -1.98
C LEU A 253 3.30 4.87 -1.90
N LEU A 254 3.57 3.77 -1.20
CA LEU A 254 2.52 2.77 -0.99
C LEU A 254 1.34 3.37 -0.24
N ALA A 255 1.63 4.18 0.79
CA ALA A 255 0.56 4.86 1.52
C ALA A 255 -0.22 5.81 0.63
N VAL A 256 0.47 6.50 -0.28
CA VAL A 256 -0.21 7.40 -1.20
C VAL A 256 -1.16 6.62 -2.10
N ALA A 257 -0.71 5.48 -2.62
CA ALA A 257 -1.62 4.67 -3.43
C ALA A 257 -2.82 4.22 -2.62
N ALA A 258 -2.58 3.78 -1.38
CA ALA A 258 -3.66 3.31 -0.52
C ALA A 258 -4.68 4.41 -0.27
N VAL A 259 -4.22 5.59 0.14
CA VAL A 259 -5.14 6.67 0.43
C VAL A 259 -5.86 7.10 -0.85
N ALA A 260 -5.14 7.12 -1.97
CA ALA A 260 -5.78 7.51 -3.22
C ALA A 260 -6.98 6.63 -3.51
N VAL A 261 -6.77 5.32 -3.53
CA VAL A 261 -7.88 4.43 -3.89
C VAL A 261 -8.97 4.48 -2.82
N ALA A 262 -8.59 4.46 -1.54
CA ALA A 262 -9.58 4.39 -0.48
C ALA A 262 -10.45 5.64 -0.46
N MET A 263 -9.82 6.81 -0.52
CA MET A 263 -10.58 8.05 -0.42
C MET A 263 -11.32 8.37 -1.71
N ASN A 264 -10.80 7.93 -2.86
CA ASN A 264 -11.60 8.04 -4.07
C ASN A 264 -12.88 7.22 -3.96
N HIS A 265 -12.77 6.00 -3.44
CA HIS A 265 -13.97 5.19 -3.21
C HIS A 265 -14.89 5.87 -2.20
N TYR A 266 -14.32 6.46 -1.16
CA TYR A 266 -15.13 7.11 -0.14
C TYR A 266 -15.92 8.28 -0.73
N CYS A 267 -15.26 9.10 -1.53
CA CYS A 267 -15.97 10.20 -2.18
C CYS A 267 -17.02 9.69 -3.16
N ARG A 268 -16.72 8.59 -3.87
CA ARG A 268 -17.72 8.00 -4.74
C ARG A 268 -18.95 7.58 -3.95
N SER A 269 -18.74 6.98 -2.78
CA SER A 269 -19.86 6.60 -1.93
C SER A 269 -20.63 7.83 -1.44
N ARG A 270 -19.92 8.89 -1.09
CA ARG A 270 -20.56 10.06 -0.53
C ARG A 270 -21.09 11.02 -1.57
N TYR A 271 -20.94 10.69 -2.86
CA TYR A 271 -21.58 11.50 -3.90
C TYR A 271 -23.05 11.70 -3.60
N ASP A 272 -23.78 10.62 -3.32
CA ASP A 272 -25.20 10.76 -3.04
C ASP A 272 -25.46 11.59 -1.78
N LEU A 273 -24.62 11.41 -0.77
CA LEU A 273 -24.79 12.15 0.49
C LEU A 273 -24.65 13.65 0.23
N VAL A 274 -23.58 14.06 -0.44
CA VAL A 274 -23.36 15.47 -0.69
C VAL A 274 -24.42 16.01 -1.64
N ALA A 275 -24.90 15.17 -2.55
CA ALA A 275 -26.00 15.59 -3.41
C ALA A 275 -27.25 15.88 -2.60
N ILE A 276 -27.54 15.02 -1.62
CA ILE A 276 -28.70 15.25 -0.76
C ILE A 276 -28.53 16.54 0.01
N LEU A 277 -27.33 16.78 0.53
CA LEU A 277 -27.07 18.04 1.22
C LEU A 277 -27.34 19.23 0.30
N LYS A 278 -26.80 19.18 -0.91
CA LYS A 278 -26.96 20.29 -1.85
C LYS A 278 -28.42 20.54 -2.15
N THR A 279 -29.17 19.46 -2.37
CA THR A 279 -30.59 19.58 -2.68
C THR A 279 -31.35 20.22 -1.53
N LEU A 280 -31.00 19.86 -0.30
CA LEU A 280 -31.66 20.43 0.87
C LEU A 280 -31.25 21.84 1.17
N GLY A 281 -30.45 22.49 0.32
CA GLY A 281 -30.11 23.88 0.52
C GLY A 281 -28.73 24.15 1.06
N ALA A 282 -27.86 23.15 1.12
CA ALA A 282 -26.49 23.39 1.56
C ALA A 282 -25.78 24.26 0.55
N GLY A 283 -25.48 25.49 0.95
CA GLY A 283 -24.74 26.37 0.07
C GLY A 283 -23.32 25.91 -0.13
N ARG A 284 -22.70 26.41 -1.21
CA ARG A 284 -21.32 26.05 -1.49
C ARG A 284 -20.40 26.45 -0.34
N ALA A 285 -20.68 27.58 0.30
CA ALA A 285 -19.85 28.03 1.42
C ALA A 285 -19.99 27.10 2.61
N GLN A 286 -21.23 26.81 3.01
CA GLN A 286 -21.43 25.95 4.18
C GLN A 286 -20.93 24.54 3.93
N LEU A 287 -21.22 23.99 2.75
CA LEU A 287 -20.73 22.66 2.42
C LEU A 287 -19.21 22.63 2.36
N ARG A 288 -18.61 23.68 1.80
CA ARG A 288 -17.16 23.79 1.76
C ARG A 288 -16.59 23.78 3.18
N LYS A 289 -17.19 24.56 4.07
CA LYS A 289 -16.73 24.60 5.44
C LYS A 289 -16.84 23.24 6.10
N LEU A 290 -17.95 22.55 5.88
CA LEU A 290 -18.15 21.25 6.51
C LEU A 290 -17.11 20.24 6.02
N ILE A 291 -16.92 20.16 4.71
CA ILE A 291 -16.02 19.15 4.18
C ILE A 291 -14.57 19.47 4.56
N VAL A 292 -14.18 20.75 4.48
CA VAL A 292 -12.81 21.08 4.84
C VAL A 292 -12.58 20.88 6.33
N GLY A 293 -13.59 21.13 7.16
CA GLY A 293 -13.44 20.86 8.58
C GLY A 293 -13.29 19.38 8.87
N GLN A 294 -14.11 18.56 8.21
CA GLN A 294 -13.96 17.12 8.41
C GLN A 294 -12.59 16.64 7.96
N TRP A 295 -12.13 17.12 6.81
CA TRP A 295 -10.81 16.74 6.32
C TRP A 295 -9.72 17.17 7.28
N LEU A 296 -9.82 18.40 7.80
CA LEU A 296 -8.80 18.88 8.73
C LEU A 296 -8.82 18.08 10.01
N MET A 297 -10.01 17.74 10.50
CA MET A 297 -10.11 16.97 11.74
C MET A 297 -9.52 15.59 11.57
N VAL A 298 -9.84 14.91 10.46
CA VAL A 298 -9.25 13.59 10.25
C VAL A 298 -7.76 13.71 10.04
N LEU A 299 -7.30 14.77 9.37
CA LEU A 299 -5.87 14.98 9.20
C LEU A 299 -5.18 15.11 10.54
N THR A 300 -5.74 15.93 11.44
CA THR A 300 -5.12 16.14 12.74
C THR A 300 -5.13 14.88 13.58
N LEU A 301 -6.26 14.16 13.58
CA LEU A 301 -6.34 12.92 14.36
C LEU A 301 -5.34 11.90 13.84
N SER A 302 -5.26 11.76 12.52
CA SER A 302 -4.29 10.85 11.94
C SER A 302 -2.87 11.26 12.26
N ALA A 303 -2.60 12.57 12.23
CA ALA A 303 -1.27 13.04 12.57
C ALA A 303 -0.92 12.69 14.01
N VAL A 304 -1.86 12.86 14.94
CA VAL A 304 -1.57 12.57 16.34
C VAL A 304 -1.31 11.08 16.53
N THR A 305 -2.19 10.23 16.01
CA THR A 305 -2.00 8.80 16.22
C THR A 305 -0.76 8.29 15.50
N GLY A 306 -0.48 8.82 14.32
CA GLY A 306 0.73 8.45 13.61
C GLY A 306 1.97 8.89 14.35
N GLY A 307 1.93 10.07 14.96
CA GLY A 307 3.06 10.51 15.76
C GLY A 307 3.28 9.60 16.96
N ALA A 308 2.20 9.18 17.61
CA ALA A 308 2.35 8.27 18.73
C ALA A 308 2.97 6.95 18.30
N ILE A 309 2.41 6.33 17.26
CA ILE A 309 2.95 5.03 16.83
C ILE A 309 4.34 5.20 16.23
N GLY A 310 4.65 6.36 15.66
CA GLY A 310 5.98 6.59 15.16
C GLY A 310 6.99 6.77 16.28
N LEU A 311 6.58 7.38 17.38
CA LEU A 311 7.43 7.42 18.57
C LEU A 311 7.67 6.01 19.08
N LEU A 312 6.63 5.17 19.07
CA LEU A 312 6.81 3.78 19.47
C LEU A 312 7.80 3.06 18.56
N PHE A 313 7.67 3.26 17.25
CA PHE A 313 8.62 2.65 16.32
C PHE A 313 10.02 3.19 16.52
N GLU A 314 10.16 4.48 16.81
CA GLU A 314 11.48 5.04 17.05
C GLU A 314 12.13 4.40 18.26
N ASN A 315 11.35 4.24 19.34
CA ASN A 315 11.89 3.56 20.52
C ASN A 315 12.27 2.12 20.18
N VAL A 316 11.44 1.43 19.40
CA VAL A 316 11.74 0.04 19.03
C VAL A 316 13.03 -0.01 18.23
N LEU A 317 13.19 0.90 17.27
CA LEU A 317 14.38 0.92 16.44
C LEU A 317 15.62 1.20 17.27
N MET A 318 15.52 2.15 18.20
CA MET A 318 16.69 2.49 19.00
C MET A 318 17.03 1.38 20.00
N VAL A 319 16.03 0.62 20.45
CA VAL A 319 16.33 -0.55 21.26
C VAL A 319 17.00 -1.63 20.40
N LEU A 320 16.53 -1.81 19.18
CA LEU A 320 16.98 -2.92 18.36
C LEU A 320 18.37 -2.69 17.77
N LEU A 321 18.67 -1.47 17.36
CA LEU A 321 19.88 -1.19 16.59
C LEU A 321 21.08 -0.89 17.46
N LYS A 322 21.10 -1.35 18.70
CA LYS A 322 22.22 -1.04 19.58
C LYS A 322 23.57 -1.50 19.04
N PRO A 323 23.72 -2.71 18.46
CA PRO A 323 25.08 -3.14 18.07
C PRO A 323 25.72 -2.25 17.03
N VAL A 324 24.95 -1.68 16.10
CA VAL A 324 25.51 -0.90 15.00
C VAL A 324 25.29 0.60 15.19
N LEU A 325 24.85 1.01 16.37
CA LEU A 325 24.64 2.42 16.63
C LEU A 325 25.36 2.84 17.90
N PRO A 326 25.77 4.11 18.00
CA PRO A 326 26.32 4.61 19.25
C PRO A 326 25.30 4.48 20.37
N ALA A 327 25.80 4.15 21.57
CA ALA A 327 24.88 3.91 22.69
C ALA A 327 24.10 5.16 23.05
N ALA A 328 24.76 6.31 23.08
CA ALA A 328 24.11 7.58 23.38
C ALA A 328 23.96 8.40 22.11
N LEU A 329 22.81 9.01 21.95
CA LEU A 329 22.48 9.76 20.75
C LEU A 329 21.91 11.12 21.14
N PRO A 330 22.08 12.13 20.29
CA PRO A 330 21.47 13.42 20.58
C PRO A 330 19.96 13.30 20.59
N PRO A 331 19.28 14.10 21.42
CA PRO A 331 17.82 14.05 21.43
C PRO A 331 17.25 14.51 20.09
N ALA A 332 16.08 13.98 19.77
CA ALA A 332 15.41 14.36 18.53
C ALA A 332 15.03 15.83 18.56
N SER A 333 15.02 16.44 17.38
CA SER A 333 14.58 17.82 17.23
C SER A 333 13.13 17.86 16.77
N LEU A 334 12.58 19.06 16.74
CA LEU A 334 11.21 19.26 16.25
C LEU A 334 11.14 19.26 14.73
N TRP A 335 12.28 19.35 14.05
CA TRP A 335 12.26 19.37 12.59
C TRP A 335 11.65 18.12 11.96
N PRO A 336 11.93 16.89 12.42
CA PRO A 336 11.24 15.74 11.82
C PRO A 336 9.73 15.81 11.95
N TRP A 337 9.21 16.39 13.04
CA TRP A 337 7.77 16.57 13.15
C TRP A 337 7.25 17.47 12.03
N LEU A 338 7.96 18.57 11.76
CA LEU A 338 7.58 19.43 10.65
C LEU A 338 7.65 18.67 9.34
N TRP A 339 8.71 17.87 9.16
CA TRP A 339 8.83 17.03 7.97
C TRP A 339 7.59 16.19 7.79
N ALA A 340 7.20 15.47 8.84
CA ALA A 340 6.09 14.53 8.75
C ALA A 340 4.78 15.26 8.46
N LEU A 341 4.51 16.32 9.21
CA LEU A 341 3.25 17.04 9.02
C LEU A 341 3.17 17.64 7.62
N GLY A 342 4.25 18.27 7.16
CA GLY A 342 4.24 18.83 5.83
C GLY A 342 4.05 17.79 4.75
N THR A 343 4.77 16.66 4.87
CA THR A 343 4.64 15.61 3.86
C THR A 343 3.23 15.04 3.84
N MET A 344 2.68 14.73 5.00
CA MET A 344 1.35 14.15 5.03
C MET A 344 0.31 15.14 4.50
N THR A 345 0.42 16.42 4.88
CA THR A 345 -0.59 17.36 4.41
C THR A 345 -0.46 17.60 2.91
N VAL A 346 0.77 17.63 2.38
CA VAL A 346 0.91 17.90 0.95
C VAL A 346 0.42 16.72 0.14
N ILE A 347 0.71 15.49 0.59
CA ILE A 347 0.22 14.34 -0.17
C ILE A 347 -1.30 14.27 -0.08
N SER A 348 -1.87 14.55 1.09
CA SER A 348 -3.32 14.55 1.23
C SER A 348 -3.95 15.57 0.31
N LEU A 349 -3.36 16.77 0.24
CA LEU A 349 -3.92 17.79 -0.63
C LEU A 349 -3.81 17.39 -2.10
N LEU A 350 -2.64 16.91 -2.52
CA LEU A 350 -2.45 16.61 -3.94
C LEU A 350 -3.21 15.36 -4.37
N VAL A 351 -3.65 14.53 -3.43
CA VAL A 351 -4.50 13.40 -3.79
C VAL A 351 -5.98 13.75 -3.64
N GLY A 352 -6.32 14.74 -2.83
CA GLY A 352 -7.72 14.99 -2.55
C GLY A 352 -8.32 16.22 -3.20
N LEU A 353 -7.51 17.08 -3.82
CA LEU A 353 -8.08 18.28 -4.42
C LEU A 353 -9.08 17.92 -5.51
N ARG A 354 -8.78 16.89 -6.31
CA ARG A 354 -9.75 16.45 -7.30
C ARG A 354 -11.02 15.88 -6.66
N PRO A 355 -10.95 14.94 -5.71
CA PRO A 355 -12.19 14.53 -5.03
C PRO A 355 -12.85 15.68 -4.29
N TYR A 356 -12.07 16.59 -3.72
CA TYR A 356 -12.65 17.74 -3.05
C TYR A 356 -13.48 18.57 -4.01
N ARG A 357 -12.95 18.85 -5.20
CA ARG A 357 -13.69 19.64 -6.17
C ARG A 357 -14.87 18.86 -6.72
N LEU A 358 -14.72 17.54 -6.88
CA LEU A 358 -15.84 16.71 -7.31
C LEU A 358 -16.99 16.82 -6.33
N LEU A 359 -16.72 16.64 -5.04
CA LEU A 359 -17.77 16.75 -4.03
C LEU A 359 -18.34 18.15 -4.00
N LEU A 360 -17.48 19.17 -4.10
CA LEU A 360 -17.97 20.55 -4.09
C LEU A 360 -18.82 20.83 -5.32
N ALA A 361 -18.46 20.26 -6.46
CA ALA A 361 -19.16 20.52 -7.71
C ALA A 361 -20.06 19.36 -8.11
N THR A 362 -20.38 18.46 -7.18
CA THR A 362 -21.25 17.35 -7.50
C THR A 362 -22.63 17.84 -7.92
N GLN A 363 -23.11 17.35 -9.05
CA GLN A 363 -24.42 17.76 -9.54
C GLN A 363 -25.50 17.24 -8.62
N PRO A 364 -26.43 18.08 -8.17
CA PRO A 364 -27.55 17.58 -7.36
C PRO A 364 -28.46 16.63 -8.12
N LEU A 365 -28.42 16.65 -9.46
CA LEU A 365 -29.21 15.72 -10.25
C LEU A 365 -28.86 14.28 -9.95
N ARG A 366 -27.69 14.03 -9.36
CA ARG A 366 -27.33 12.67 -8.97
C ARG A 366 -28.32 12.10 -7.97
N VAL A 367 -29.10 12.96 -7.31
CA VAL A 367 -30.18 12.47 -6.46
C VAL A 367 -31.21 11.72 -7.30
N LEU A 368 -31.57 12.27 -8.46
CA LEU A 368 -32.57 11.63 -9.29
C LEU A 368 -31.96 10.57 -10.21
N ARG A 369 -30.79 10.84 -10.76
CA ARG A 369 -30.10 9.91 -11.65
C ARG A 369 -28.88 9.36 -10.94
N ASN A 370 -28.88 8.06 -10.64
CA ASN A 370 -27.74 7.46 -9.98
C ASN A 370 -26.51 7.38 -10.86
N ASP A 371 -26.64 7.66 -12.15
CA ASP A 371 -25.53 7.55 -13.09
C ASP A 371 -24.87 8.87 -13.42
N VAL A 372 -25.60 9.98 -13.34
CA VAL A 372 -25.06 11.28 -13.75
C VAL A 372 -24.01 11.71 -12.74
N VAL A 373 -22.79 11.96 -13.22
CA VAL A 373 -21.67 12.35 -12.39
C VAL A 373 -21.07 13.63 -12.96
N ALA A 374 -20.75 14.58 -12.07
CA ALA A 374 -20.16 15.83 -12.51
C ALA A 374 -18.80 15.57 -13.16
N ASN A 375 -18.71 15.86 -14.45
CA ASN A 375 -17.49 15.64 -15.22
C ASN A 375 -16.66 16.91 -15.18
N VAL A 376 -15.83 17.04 -14.16
CA VAL A 376 -14.94 18.17 -13.98
C VAL A 376 -13.53 17.64 -13.76
N TRP A 377 -12.53 18.37 -14.24
CA TRP A 377 -11.14 17.97 -14.17
C TRP A 377 -10.94 16.58 -14.77
N PRO A 378 -11.03 16.44 -16.08
CA PRO A 378 -10.80 15.13 -16.70
C PRO A 378 -9.36 14.68 -16.46
N LEU A 379 -9.18 13.35 -16.44
CA LEU A 379 -7.87 12.79 -16.19
C LEU A 379 -6.84 13.27 -17.20
N LYS A 380 -7.26 13.51 -18.44
CA LYS A 380 -6.33 13.93 -19.48
C LYS A 380 -5.62 15.24 -19.13
N PHE A 381 -6.20 16.05 -18.26
CA PHE A 381 -5.53 17.24 -17.76
C PHE A 381 -5.07 17.10 -16.32
N TYR A 382 -5.70 16.23 -15.53
CA TYR A 382 -5.32 16.08 -14.13
C TYR A 382 -4.01 15.32 -13.98
N LEU A 383 -3.83 14.24 -14.73
CA LEU A 383 -2.62 13.44 -14.58
C LEU A 383 -1.34 14.21 -14.88
N PRO A 384 -1.24 15.01 -15.96
CA PRO A 384 0.03 15.70 -16.19
C PRO A 384 0.45 16.61 -15.05
N ILE A 385 -0.48 17.36 -14.47
CA ILE A 385 -0.10 18.31 -13.43
C ILE A 385 0.32 17.59 -12.16
N VAL A 386 -0.39 16.53 -11.77
CA VAL A 386 0.01 15.80 -10.57
C VAL A 386 1.33 15.10 -10.80
N SER A 387 1.54 14.57 -12.00
CA SER A 387 2.82 13.93 -12.29
C SER A 387 3.97 14.92 -12.19
N VAL A 388 3.79 16.12 -12.77
CA VAL A 388 4.88 17.08 -12.77
C VAL A 388 5.13 17.61 -11.36
N VAL A 389 4.09 17.84 -10.57
CA VAL A 389 4.32 18.32 -9.22
C VAL A 389 4.96 17.23 -8.37
N VAL A 390 4.59 15.97 -8.59
CA VAL A 390 5.21 14.88 -7.83
C VAL A 390 6.69 14.76 -8.17
N VAL A 391 7.03 14.82 -9.46
CA VAL A 391 8.44 14.69 -9.81
C VAL A 391 9.23 15.91 -9.34
N LEU A 392 8.61 17.09 -9.39
CA LEU A 392 9.26 18.28 -8.87
C LEU A 392 9.50 18.16 -7.37
N LEU A 393 8.52 17.63 -6.64
CA LEU A 393 8.69 17.43 -5.20
C LEU A 393 9.81 16.44 -4.91
N LEU A 394 9.86 15.35 -5.69
CA LEU A 394 10.91 14.37 -5.49
C LEU A 394 12.28 14.99 -5.75
N ALA A 395 12.38 15.80 -6.80
CA ALA A 395 13.63 16.50 -7.08
C ALA A 395 14.00 17.44 -5.93
N GLY A 396 13.03 18.20 -5.45
CA GLY A 396 13.31 19.11 -4.34
C GLY A 396 13.77 18.38 -3.10
N LEU A 397 13.22 17.19 -2.86
CA LEU A 397 13.74 16.34 -1.80
C LEU A 397 15.19 15.93 -2.09
N MET A 398 15.48 15.60 -3.35
CA MET A 398 16.79 15.06 -3.69
C MET A 398 17.74 16.07 -4.31
N GLY A 399 17.28 16.85 -5.29
CA GLY A 399 18.15 17.81 -5.95
C GLY A 399 18.77 17.26 -7.21
N GLY A 400 20.03 16.82 -7.11
CA GLY A 400 20.71 16.25 -8.25
C GLY A 400 21.25 14.86 -7.97
N SER A 401 20.55 14.10 -7.13
CA SER A 401 20.96 12.75 -6.76
C SER A 401 20.50 11.81 -7.86
N MET A 402 21.34 11.63 -8.89
CA MET A 402 20.98 10.74 -9.99
C MET A 402 20.91 9.30 -9.54
N LEU A 403 21.79 8.88 -8.62
CA LEU A 403 21.83 7.48 -8.22
C LEU A 403 20.52 7.04 -7.59
N LEU A 404 19.99 7.85 -6.67
CA LEU A 404 18.75 7.45 -6.01
C LEU A 404 17.55 7.54 -6.93
N TRP A 405 17.52 8.52 -7.85
CA TRP A 405 16.50 8.51 -8.88
C TRP A 405 16.53 7.22 -9.67
N ALA A 406 17.73 6.81 -10.09
CA ALA A 406 17.85 5.58 -10.87
C ALA A 406 17.39 4.37 -10.08
N VAL A 407 17.76 4.29 -8.80
CA VAL A 407 17.37 3.14 -7.99
C VAL A 407 15.86 3.13 -7.78
N LEU A 408 15.26 4.30 -7.51
CA LEU A 408 13.82 4.37 -7.33
C LEU A 408 13.08 3.98 -8.61
N ALA A 409 13.55 4.48 -9.76
CA ALA A 409 12.92 4.11 -11.03
C ALA A 409 13.06 2.62 -11.28
N GLY A 410 14.23 2.05 -10.98
CA GLY A 410 14.40 0.62 -11.13
C GLY A 410 13.49 -0.17 -10.23
N ALA A 411 13.29 0.29 -9.00
CA ALA A 411 12.39 -0.38 -8.08
C ALA A 411 10.95 -0.34 -8.58
N VAL A 412 10.51 0.82 -9.07
CA VAL A 412 9.16 0.92 -9.59
C VAL A 412 8.99 0.05 -10.82
N VAL A 413 9.97 0.06 -11.73
CA VAL A 413 9.90 -0.78 -12.91
C VAL A 413 9.89 -2.25 -12.52
N LEU A 414 10.65 -2.60 -11.48
CA LEU A 414 10.65 -3.97 -10.99
C LEU A 414 9.28 -4.35 -10.44
N ALA A 415 8.64 -3.43 -9.72
CA ALA A 415 7.29 -3.71 -9.24
C ALA A 415 6.33 -3.94 -10.39
N LEU A 416 6.44 -3.11 -11.43
CA LEU A 416 5.57 -3.27 -12.59
C LEU A 416 5.84 -4.58 -13.31
N LEU A 417 7.11 -4.96 -13.45
CA LEU A 417 7.46 -6.22 -14.09
C LEU A 417 6.97 -7.39 -13.27
N CYS A 418 7.07 -7.30 -11.94
CA CYS A 418 6.51 -8.33 -11.08
C CYS A 418 5.00 -8.44 -11.27
N GLY A 419 4.33 -7.30 -11.38
CA GLY A 419 2.89 -7.33 -11.63
C GLY A 419 2.56 -8.02 -12.95
N VAL A 420 3.26 -7.67 -14.01
CA VAL A 420 2.93 -8.23 -15.32
C VAL A 420 3.29 -9.71 -15.36
N LEU A 421 4.38 -10.11 -14.71
CA LEU A 421 4.74 -11.51 -14.64
C LEU A 421 3.70 -12.30 -13.85
N GLY A 422 3.20 -11.71 -12.76
CA GLY A 422 2.13 -12.36 -12.02
C GLY A 422 0.88 -12.50 -12.85
N TRP A 423 0.55 -11.48 -13.64
CA TRP A 423 -0.61 -11.59 -14.52
C TRP A 423 -0.41 -12.70 -15.55
N MET A 424 0.79 -12.82 -16.11
CA MET A 424 1.04 -13.90 -17.05
C MET A 424 0.92 -15.25 -16.36
N LEU A 425 1.40 -15.35 -15.12
CA LEU A 425 1.26 -16.60 -14.37
C LEU A 425 -0.21 -16.93 -14.15
N LEU A 426 -1.00 -15.93 -13.79
CA LEU A 426 -2.44 -16.15 -13.63
C LEU A 426 -3.08 -16.62 -14.93
N ASN A 427 -2.71 -16.00 -16.05
CA ASN A 427 -3.29 -16.39 -17.32
C ASN A 427 -2.93 -17.82 -17.69
N VAL A 428 -1.66 -18.20 -17.48
CA VAL A 428 -1.26 -19.56 -17.82
C VAL A 428 -1.89 -20.56 -16.85
N LEU A 429 -2.14 -20.15 -15.61
CA LEU A 429 -2.85 -21.02 -14.68
C LEU A 429 -4.29 -21.23 -15.13
N ARG A 430 -4.94 -20.18 -15.60
CA ARG A 430 -6.29 -20.34 -16.12
C ARG A 430 -6.30 -21.23 -17.36
N ARG A 431 -5.32 -21.05 -18.26
CA ARG A 431 -5.31 -21.76 -19.52
C ARG A 431 -5.13 -23.27 -19.35
N MET A 432 -4.66 -23.74 -18.21
CA MET A 432 -4.66 -25.15 -17.90
C MET A 432 -5.86 -25.48 -17.03
N THR A 433 -6.43 -26.67 -17.24
CA THR A 433 -7.75 -26.97 -16.70
C THR A 433 -7.74 -27.00 -15.19
N LEU A 434 -8.83 -26.51 -14.58
CA LEU A 434 -9.00 -26.52 -13.14
C LEU A 434 -10.13 -27.47 -12.78
N LYS A 435 -9.79 -28.59 -12.15
CA LYS A 435 -10.80 -29.49 -11.63
C LYS A 435 -11.63 -28.80 -10.55
N SER A 436 -10.98 -28.03 -9.69
CA SER A 436 -11.65 -27.36 -8.60
C SER A 436 -12.41 -26.16 -9.12
N LEU A 437 -13.72 -26.14 -8.91
CA LEU A 437 -14.53 -24.97 -9.27
C LEU A 437 -14.08 -23.71 -8.55
N PRO A 438 -13.84 -23.71 -7.23
CA PRO A 438 -13.41 -22.46 -6.59
C PRO A 438 -12.16 -21.86 -7.20
N LEU A 439 -11.18 -22.69 -7.53
CA LEU A 439 -9.93 -22.17 -8.08
C LEU A 439 -10.16 -21.53 -9.44
N ARG A 440 -10.92 -22.21 -10.32
CA ARG A 440 -11.18 -21.66 -11.64
C ARG A 440 -11.97 -20.37 -11.55
N LEU A 441 -12.99 -20.34 -10.70
CA LEU A 441 -13.77 -19.12 -10.54
C LEU A 441 -12.91 -17.99 -9.99
N ALA A 442 -12.05 -18.30 -9.03
CA ALA A 442 -11.19 -17.27 -8.45
C ALA A 442 -10.21 -16.71 -9.49
N VAL A 443 -9.58 -17.59 -10.27
CA VAL A 443 -8.61 -17.09 -11.24
C VAL A 443 -9.32 -16.29 -12.33
N SER A 444 -10.53 -16.70 -12.72
CA SER A 444 -11.29 -15.90 -13.68
C SER A 444 -11.60 -14.52 -13.09
N ARG A 445 -12.00 -14.48 -11.82
CA ARG A 445 -12.29 -13.21 -11.17
C ARG A 445 -11.06 -12.32 -11.10
N LEU A 446 -9.90 -12.91 -10.80
CA LEU A 446 -8.65 -12.16 -10.77
C LEU A 446 -8.33 -11.58 -12.15
N LEU A 447 -8.39 -12.42 -13.19
CA LEU A 447 -8.01 -11.94 -14.52
C LEU A 447 -8.96 -10.87 -15.04
N ARG A 448 -10.26 -11.06 -14.87
CA ARG A 448 -11.19 -10.12 -15.49
C ARG A 448 -11.42 -8.88 -14.64
N GLN A 449 -10.52 -8.60 -13.69
CA GLN A 449 -10.49 -7.33 -12.96
C GLN A 449 -9.06 -6.82 -13.02
N PRO A 450 -8.62 -6.36 -14.19
CA PRO A 450 -7.19 -6.18 -14.42
C PRO A 450 -6.52 -5.15 -13.52
N TRP A 451 -7.01 -3.91 -13.51
CA TRP A 451 -6.27 -2.84 -12.85
C TRP A 451 -6.11 -3.12 -11.36
N SER A 452 -7.21 -3.50 -10.70
CA SER A 452 -7.17 -3.78 -9.27
C SER A 452 -6.17 -4.88 -8.94
N THR A 453 -6.28 -6.01 -9.63
CA THR A 453 -5.45 -7.15 -9.31
C THR A 453 -3.98 -6.90 -9.62
N LEU A 454 -3.70 -6.23 -10.75
CA LEU A 454 -2.32 -5.91 -11.07
C LEU A 454 -1.72 -4.95 -10.05
N SER A 455 -2.48 -3.93 -9.64
CA SER A 455 -1.97 -3.02 -8.62
C SER A 455 -1.69 -3.76 -7.32
N GLN A 456 -2.62 -4.61 -6.92
CA GLN A 456 -2.47 -5.33 -5.65
C GLN A 456 -1.29 -6.28 -5.70
N LEU A 457 -1.15 -7.01 -6.80
CA LEU A 457 -0.04 -7.94 -6.95
C LEU A 457 1.28 -7.20 -6.96
N SER A 458 1.32 -6.02 -7.59
CA SER A 458 2.55 -5.24 -7.56
C SER A 458 2.90 -4.80 -6.15
N ALA A 459 1.91 -4.36 -5.38
CA ALA A 459 2.18 -3.90 -4.02
C ALA A 459 2.72 -5.01 -3.15
N PHE A 460 2.01 -6.14 -3.11
CA PHE A 460 2.51 -7.28 -2.34
C PHE A 460 3.82 -7.80 -2.91
N SER A 461 4.03 -7.67 -4.22
CA SER A 461 5.29 -8.09 -4.81
C SER A 461 6.43 -7.26 -4.27
N LEU A 462 6.22 -5.95 -4.12
CA LEU A 462 7.28 -5.10 -3.57
C LEU A 462 7.54 -5.40 -2.10
N SER A 463 6.47 -5.53 -1.32
CA SER A 463 6.65 -5.87 0.09
C SER A 463 7.41 -7.19 0.23
N PHE A 464 7.07 -8.16 -0.60
CA PHE A 464 7.77 -9.44 -0.56
C PHE A 464 9.14 -9.38 -1.21
N MET A 465 9.39 -8.41 -2.09
CA MET A 465 10.77 -8.10 -2.46
C MET A 465 11.58 -7.81 -1.21
N LEU A 466 11.06 -6.92 -0.38
CA LEU A 466 11.79 -6.54 0.83
C LEU A 466 12.00 -7.73 1.74
N LEU A 467 10.91 -8.47 2.04
CA LEU A 467 11.02 -9.59 2.96
C LEU A 467 11.93 -10.68 2.40
N ALA A 468 11.79 -10.99 1.11
CA ALA A 468 12.61 -12.01 0.48
C ALA A 468 14.06 -11.58 0.45
N LEU A 469 14.34 -10.30 0.22
CA LEU A 469 15.73 -9.83 0.26
C LEU A 469 16.30 -9.98 1.66
N LEU A 470 15.47 -9.76 2.68
CA LEU A 470 15.93 -10.01 4.05
C LEU A 470 16.32 -11.46 4.24
N LEU A 471 15.42 -12.38 3.90
CA LEU A 471 15.71 -13.78 4.08
C LEU A 471 16.89 -14.20 3.23
N VAL A 472 17.01 -13.64 2.04
CA VAL A 472 18.19 -13.84 1.21
C VAL A 472 19.45 -13.46 1.97
N LEU A 473 19.55 -12.21 2.41
CA LEU A 473 20.80 -11.77 3.03
C LEU A 473 21.15 -12.72 4.16
N ARG A 474 20.22 -12.97 5.08
CA ARG A 474 20.57 -13.83 6.21
C ARG A 474 20.91 -15.26 5.79
N GLY A 475 19.91 -16.00 5.30
CA GLY A 475 20.12 -17.41 5.04
C GLY A 475 21.10 -17.67 3.90
N ASP A 476 20.97 -16.94 2.81
CA ASP A 476 21.89 -17.07 1.71
C ASP A 476 23.30 -16.63 2.06
N LEU A 477 23.51 -15.71 3.01
CA LEU A 477 24.88 -15.46 3.42
C LEU A 477 25.41 -16.62 4.22
N LEU A 478 24.54 -17.25 5.03
CA LEU A 478 24.96 -18.49 5.70
C LEU A 478 25.38 -19.54 4.68
N ASP A 479 24.55 -19.79 3.68
CA ASP A 479 24.86 -20.78 2.65
C ASP A 479 26.03 -20.35 1.77
N ARG A 480 26.19 -19.05 1.55
CA ARG A 480 27.33 -18.51 0.82
C ARG A 480 28.61 -18.79 1.57
N TRP A 481 28.56 -18.68 2.90
CA TRP A 481 29.68 -19.12 3.71
C TRP A 481 29.92 -20.60 3.51
N GLN A 482 28.84 -21.40 3.52
CA GLN A 482 28.96 -22.79 3.14
C GLN A 482 29.40 -22.94 1.69
N GLN A 483 29.04 -21.98 0.84
CA GLN A 483 29.49 -21.94 -0.54
C GLN A 483 30.81 -21.19 -0.69
N GLN A 484 31.43 -20.80 0.41
CA GLN A 484 32.66 -20.02 0.39
C GLN A 484 33.90 -20.90 0.37
N LEU A 485 33.82 -22.07 -0.24
CA LEU A 485 34.97 -22.96 -0.43
C LEU A 485 35.20 -23.15 -1.92
N PRO A 486 35.59 -22.11 -2.65
CA PRO A 486 35.89 -22.26 -4.06
C PRO A 486 37.33 -22.68 -4.25
N PRO A 487 37.73 -23.05 -5.48
CA PRO A 487 39.12 -23.48 -5.69
C PRO A 487 40.12 -22.37 -5.35
N GLU A 488 41.30 -22.79 -4.91
CA GLU A 488 42.33 -21.89 -4.43
C GLU A 488 41.78 -21.06 -3.28
N SER A 489 41.37 -19.81 -3.57
CA SER A 489 40.58 -19.01 -2.65
C SER A 489 41.20 -18.90 -1.26
N PRO A 490 42.26 -18.12 -1.10
CA PRO A 490 42.95 -18.05 0.19
C PRO A 490 42.02 -17.60 1.31
N ASN A 491 42.22 -18.17 2.50
CA ASN A 491 41.37 -17.87 3.64
C ASN A 491 42.02 -16.89 4.62
N TYR A 492 43.15 -17.26 5.20
CA TYR A 492 43.77 -16.47 6.24
C TYR A 492 44.84 -15.57 5.64
N PHE A 493 44.76 -14.28 5.96
CA PHE A 493 45.71 -13.28 5.45
C PHE A 493 46.75 -12.97 6.52
N LEU A 494 47.98 -12.71 6.06
CA LEU A 494 49.09 -12.38 6.94
C LEU A 494 49.77 -11.14 6.38
N ILE A 495 49.67 -10.03 7.11
CA ILE A 495 50.08 -8.72 6.63
C ILE A 495 51.13 -8.15 7.57
N ASN A 496 51.94 -7.24 7.03
CA ASN A 496 52.90 -6.46 7.82
C ASN A 496 53.96 -7.37 8.44
N ILE A 497 54.71 -8.01 7.55
CA ILE A 497 55.82 -8.87 7.93
C ILE A 497 57.11 -8.18 7.49
N ALA A 498 58.11 -8.20 8.36
CA ALA A 498 59.42 -7.72 7.97
C ALA A 498 60.13 -8.78 7.13
N THR A 499 61.16 -8.35 6.41
CA THR A 499 61.86 -9.25 5.50
C THR A 499 62.51 -10.40 6.28
N GLU A 500 63.19 -10.10 7.38
CA GLU A 500 63.92 -11.12 8.13
C GLU A 500 63.00 -12.16 8.74
N GLN A 501 61.72 -11.83 8.95
CA GLN A 501 60.77 -12.80 9.48
C GLN A 501 60.25 -13.75 8.40
N VAL A 502 60.59 -13.52 7.14
CA VAL A 502 60.03 -14.31 6.05
C VAL A 502 60.42 -15.77 6.19
N ALA A 503 61.70 -16.04 6.43
CA ALA A 503 62.18 -17.41 6.46
C ALA A 503 61.54 -18.26 7.56
N PRO A 504 61.48 -17.82 8.83
CA PRO A 504 60.92 -18.72 9.85
C PRO A 504 59.46 -19.06 9.64
N LEU A 505 58.63 -18.06 9.35
CA LEU A 505 57.20 -18.33 9.17
C LEU A 505 56.97 -19.30 8.03
N LYS A 506 57.72 -19.13 6.93
CA LYS A 506 57.64 -20.10 5.84
C LYS A 506 57.98 -21.49 6.32
N ALA A 507 59.05 -21.61 7.12
CA ALA A 507 59.34 -22.88 7.76
C ALA A 507 58.17 -23.33 8.62
N PHE A 508 57.58 -22.40 9.37
CA PHE A 508 56.33 -22.69 10.07
C PHE A 508 55.30 -23.24 9.11
N LEU A 509 55.11 -22.55 7.97
CA LEU A 509 54.22 -23.07 6.94
C LEU A 509 54.72 -24.42 6.43
N ALA A 510 56.03 -24.56 6.26
CA ALA A 510 56.59 -25.83 5.85
C ALA A 510 56.48 -26.89 6.94
N GLU A 511 56.25 -26.50 8.19
CA GLU A 511 56.22 -27.47 9.27
C GLU A 511 54.82 -27.82 9.74
N HIS A 512 53.87 -26.90 9.70
CA HIS A 512 52.50 -27.22 10.10
C HIS A 512 51.64 -27.61 8.90
N GLN A 513 52.16 -28.52 8.07
CA GLN A 513 51.39 -29.13 6.97
C GLN A 513 50.64 -28.09 6.15
N ILE A 514 51.29 -26.95 5.91
CA ILE A 514 50.65 -25.81 5.25
C ILE A 514 51.33 -25.58 3.92
N VAL A 515 50.54 -25.52 2.85
CA VAL A 515 51.06 -25.17 1.53
C VAL A 515 51.29 -23.66 1.49
N PRO A 516 52.48 -23.20 1.14
CA PRO A 516 52.73 -21.76 1.04
C PRO A 516 52.06 -21.20 -0.20
N GLU A 517 51.06 -20.35 0.00
CA GLU A 517 50.33 -19.74 -1.10
C GLU A 517 51.15 -18.58 -1.66
N SER A 518 50.51 -17.76 -2.49
CA SER A 518 51.21 -16.63 -3.10
C SER A 518 51.80 -15.71 -2.03
N PHE A 519 53.01 -15.24 -2.28
CA PHE A 519 53.78 -14.46 -1.30
C PHE A 519 54.05 -13.08 -1.90
N TYR A 520 53.28 -12.09 -1.46
CA TYR A 520 53.33 -10.77 -2.07
C TYR A 520 54.25 -9.85 -1.27
N PRO A 521 55.36 -9.40 -1.85
CA PRO A 521 56.14 -8.35 -1.20
C PRO A 521 55.48 -7.00 -1.37
N VAL A 522 54.86 -6.48 -0.31
CA VAL A 522 53.95 -5.36 -0.39
C VAL A 522 54.59 -4.13 0.24
N VAL A 523 54.43 -2.99 -0.40
CA VAL A 523 54.82 -1.70 0.13
C VAL A 523 53.59 -0.80 0.16
N ARG A 524 53.40 -0.11 1.28
CA ARG A 524 52.31 0.84 1.42
C ARG A 524 52.76 2.21 0.95
N ALA A 525 52.06 2.77 -0.02
CA ALA A 525 52.39 4.07 -0.56
C ALA A 525 51.13 4.70 -1.12
N ARG A 526 51.04 6.02 -1.00
CA ARG A 526 49.86 6.75 -1.48
C ARG A 526 50.15 7.37 -2.84
N LEU A 527 49.17 7.27 -3.74
CA LEU A 527 49.31 7.85 -5.06
C LEU A 527 49.22 9.37 -4.96
N THR A 528 50.22 10.05 -5.52
CA THR A 528 50.27 11.51 -5.48
C THR A 528 49.93 12.14 -6.82
N ALA A 529 50.40 11.57 -7.93
CA ALA A 529 50.17 12.17 -9.23
C ALA A 529 50.00 11.08 -10.28
N ILE A 530 49.02 11.26 -11.16
CA ILE A 530 48.83 10.44 -12.35
C ILE A 530 49.15 11.29 -13.56
N ASN A 531 50.13 10.86 -14.35
CA ASN A 531 50.65 11.64 -15.47
C ASN A 531 51.09 13.02 -14.99
N ASP A 532 51.72 13.06 -13.83
CA ASP A 532 52.20 14.24 -13.13
C ASP A 532 51.07 15.16 -12.67
N LYS A 533 49.81 14.80 -12.91
CA LYS A 533 48.69 15.58 -12.42
C LYS A 533 48.37 15.15 -10.99
N PRO A 534 48.42 16.05 -10.01
CA PRO A 534 48.21 15.63 -8.61
C PRO A 534 46.82 15.03 -8.41
N THR A 535 46.79 13.88 -7.74
CA THR A 535 45.53 13.21 -7.45
C THR A 535 44.86 13.72 -6.18
N GLU A 536 45.50 14.62 -5.45
CA GLU A 536 44.91 15.17 -4.23
C GLU A 536 43.71 16.04 -4.59
N GLY A 537 42.54 15.64 -4.08
CA GLY A 537 41.31 16.35 -4.38
C GLY A 537 40.20 15.43 -4.85
N ASN A 538 40.55 14.39 -5.60
CA ASN A 538 39.57 13.42 -6.06
C ASN A 538 39.06 12.58 -4.88
N GLU A 539 37.79 12.20 -4.97
CA GLU A 539 37.11 11.46 -3.90
C GLU A 539 37.15 9.95 -4.11
N ASP A 540 38.20 9.44 -4.74
CA ASP A 540 38.33 8.00 -4.92
C ASP A 540 38.77 7.34 -3.63
N GLU A 541 38.21 6.16 -3.35
CA GLU A 541 38.52 5.45 -2.11
C GLU A 541 39.99 5.04 -2.08
N ALA A 542 40.53 4.59 -3.21
CA ALA A 542 41.91 4.14 -3.26
C ALA A 542 42.88 5.28 -2.99
N LEU A 543 42.59 6.47 -3.52
CA LEU A 543 43.49 7.60 -3.35
C LEU A 543 43.61 8.01 -1.88
N ASN A 544 42.50 8.01 -1.16
CA ASN A 544 42.47 8.44 0.24
C ASN A 544 42.78 7.29 1.19
N ARG A 545 43.87 6.56 0.92
CA ARG A 545 44.32 5.46 1.76
C ARG A 545 45.66 4.99 1.23
N GLU A 546 46.32 4.13 2.01
CA GLU A 546 47.64 3.62 1.66
C GLU A 546 47.48 2.51 0.63
N LEU A 547 47.84 2.81 -0.61
CA LEU A 547 47.77 1.81 -1.66
C LEU A 547 48.83 0.75 -1.46
N ASN A 548 48.46 -0.51 -1.68
CA ASN A 548 49.34 -1.65 -1.49
C ASN A 548 49.98 -2.03 -2.82
N LEU A 549 51.29 -2.21 -2.82
CA LEU A 549 52.03 -2.57 -4.02
C LEU A 549 52.75 -3.89 -3.82
N THR A 550 52.91 -4.63 -4.90
CA THR A 550 53.60 -5.92 -4.86
C THR A 550 54.29 -6.17 -6.19
N TRP A 551 55.27 -7.06 -6.16
CA TRP A 551 55.96 -7.49 -7.36
C TRP A 551 56.07 -9.01 -7.38
N GLN A 552 55.69 -9.60 -8.52
CA GLN A 552 55.76 -11.04 -8.73
C GLN A 552 56.58 -11.33 -9.98
N ASN A 553 57.42 -12.36 -9.89
CA ASN A 553 58.17 -12.80 -11.07
C ASN A 553 57.24 -13.37 -12.13
N THR A 554 56.22 -14.11 -11.72
CA THR A 554 55.28 -14.75 -12.62
C THR A 554 53.93 -14.05 -12.56
N ARG A 555 53.07 -14.40 -13.52
CA ARG A 555 51.76 -13.76 -13.61
C ARG A 555 50.89 -14.19 -12.43
N PRO A 556 50.05 -13.29 -11.92
CA PRO A 556 49.11 -13.67 -10.85
C PRO A 556 48.17 -14.76 -11.32
N ASP A 557 47.84 -15.67 -10.40
CA ASP A 557 46.97 -16.80 -10.75
C ASP A 557 45.53 -16.37 -10.90
N HIS A 558 44.99 -15.65 -9.90
CA HIS A 558 43.60 -15.26 -9.94
C HIS A 558 43.32 -14.14 -10.93
N ASN A 559 44.33 -13.36 -11.28
CA ASN A 559 44.11 -12.13 -12.03
C ASN A 559 44.45 -12.32 -13.50
N PRO A 560 43.48 -12.36 -14.40
CA PRO A 560 43.80 -12.35 -15.83
C PRO A 560 44.29 -10.98 -16.27
N ILE A 561 45.06 -10.97 -17.35
CA ILE A 561 45.60 -9.76 -17.93
C ILE A 561 44.99 -9.56 -19.31
N VAL A 562 44.41 -8.39 -19.54
CA VAL A 562 43.70 -8.11 -20.78
C VAL A 562 44.60 -7.32 -21.72
N ALA A 563 45.05 -6.15 -21.28
CA ALA A 563 45.86 -5.27 -22.09
C ALA A 563 47.29 -5.23 -21.56
N GLY A 564 48.20 -4.77 -22.42
CA GLY A 564 49.58 -4.65 -22.06
C GLY A 564 50.33 -5.98 -22.14
N ASN A 565 51.49 -6.01 -21.51
CA ASN A 565 52.38 -7.17 -21.53
C ASN A 565 52.85 -7.50 -20.12
N TRP A 566 53.12 -8.78 -19.91
CA TRP A 566 53.63 -9.27 -18.63
C TRP A 566 54.90 -10.07 -18.85
N PRO A 567 55.88 -9.95 -17.94
CA PRO A 567 55.93 -9.05 -16.79
C PRO A 567 56.39 -7.65 -17.17
N PRO A 568 55.86 -6.62 -16.52
CA PRO A 568 56.37 -5.26 -16.76
C PRO A 568 57.80 -5.12 -16.29
N LYS A 569 58.56 -4.31 -17.00
CA LYS A 569 59.97 -4.12 -16.71
C LYS A 569 60.15 -3.02 -15.67
N ALA A 570 61.38 -2.58 -15.46
CA ALA A 570 61.65 -1.54 -14.47
C ALA A 570 60.91 -0.26 -14.84
N ASP A 571 60.40 0.42 -13.81
CA ASP A 571 59.57 1.63 -13.95
C ASP A 571 58.30 1.36 -14.73
N GLU A 572 57.92 0.09 -14.88
CA GLU A 572 56.70 -0.31 -15.57
C GLU A 572 55.83 -1.10 -14.62
N VAL A 573 54.56 -0.72 -14.54
CA VAL A 573 53.63 -1.26 -13.54
C VAL A 573 52.39 -1.76 -14.25
N SER A 574 51.85 -2.87 -13.76
CA SER A 574 50.55 -3.35 -14.19
C SER A 574 49.45 -2.59 -13.47
N MET A 575 48.35 -2.36 -14.17
CA MET A 575 47.25 -1.56 -13.65
C MET A 575 45.97 -2.37 -13.60
N GLU A 576 45.22 -2.22 -12.51
CA GLU A 576 43.94 -2.88 -12.37
C GLU A 576 42.94 -2.30 -13.37
N GLU A 577 42.15 -3.18 -13.98
CA GLU A 577 41.21 -2.75 -15.02
C GLU A 577 40.14 -1.83 -14.45
N GLY A 578 39.57 -2.19 -13.30
CA GLY A 578 38.47 -1.41 -12.75
C GLY A 578 38.90 0.00 -12.36
N LEU A 579 40.03 0.11 -11.64
CA LEU A 579 40.49 1.43 -11.23
C LEU A 579 40.96 2.25 -12.42
N ALA A 580 41.59 1.61 -13.42
CA ALA A 580 41.98 2.33 -14.62
C ALA A 580 40.76 2.88 -15.35
N LYS A 581 39.69 2.09 -15.42
CA LYS A 581 38.44 2.58 -16.00
C LYS A 581 37.86 3.73 -15.19
N ARG A 582 37.89 3.61 -13.86
CA ARG A 582 37.33 4.64 -12.99
C ARG A 582 38.25 5.83 -12.80
N LEU A 583 39.53 5.72 -13.15
CA LEU A 583 40.49 6.81 -13.00
C LEU A 583 41.11 7.21 -14.32
N ASN A 584 40.44 6.91 -15.44
CA ASN A 584 40.88 7.24 -16.80
C ASN A 584 42.38 7.05 -17.00
N VAL A 585 42.86 5.89 -16.56
CA VAL A 585 44.26 5.50 -16.69
C VAL A 585 44.38 4.51 -17.83
N ALA A 586 45.25 4.83 -18.80
CA ALA A 586 45.47 3.98 -19.97
C ALA A 586 46.92 3.51 -19.98
N LEU A 587 47.25 2.71 -20.98
CA LEU A 587 48.61 2.21 -21.13
C LEU A 587 49.56 3.34 -21.45
N GLY A 588 50.78 3.26 -20.93
CA GLY A 588 51.76 4.31 -21.11
C GLY A 588 51.61 5.49 -20.18
N ASP A 589 50.67 5.43 -19.23
CA ASP A 589 50.46 6.52 -18.31
C ASP A 589 51.55 6.52 -17.24
N THR A 590 51.60 7.62 -16.48
CA THR A 590 52.63 7.85 -15.47
C THR A 590 51.98 7.94 -14.10
N VAL A 591 52.52 7.21 -13.13
CA VAL A 591 51.98 7.19 -11.77
C VAL A 591 53.12 7.45 -10.78
N THR A 592 52.86 8.32 -9.81
CA THR A 592 53.84 8.72 -8.82
C THR A 592 53.34 8.33 -7.43
N PHE A 593 54.20 7.67 -6.65
CA PHE A 593 53.82 7.17 -5.34
C PHE A 593 54.73 7.74 -4.26
N MET A 594 54.13 8.23 -3.19
CA MET A 594 54.85 8.68 -2.00
C MET A 594 55.00 7.50 -1.06
N GLY A 595 56.17 6.88 -1.09
CA GLY A 595 56.46 5.75 -0.22
C GLY A 595 56.89 6.20 1.16
N ASP A 596 57.21 5.20 1.99
CA ASP A 596 57.65 5.50 3.35
C ASP A 596 58.98 6.22 3.37
N THR A 597 59.88 5.92 2.42
CA THR A 597 61.20 6.53 2.38
C THR A 597 61.37 7.49 1.21
N GLN A 598 61.10 7.05 -0.01
CA GLN A 598 61.35 7.85 -1.20
C GLN A 598 60.12 7.86 -2.11
N GLU A 599 59.97 8.96 -2.85
CA GLU A 599 58.91 9.09 -3.83
C GLU A 599 59.38 8.42 -5.13
N PHE A 600 58.62 7.44 -5.61
CA PHE A 600 59.03 6.69 -6.78
C PHE A 600 58.01 6.81 -7.89
N ARG A 601 58.43 6.36 -9.07
CA ARG A 601 57.70 6.57 -10.32
C ARG A 601 57.48 5.25 -11.04
N ALA A 602 56.40 5.17 -11.81
CA ALA A 602 56.14 4.00 -12.61
C ALA A 602 55.34 4.40 -13.85
N LYS A 603 55.41 3.55 -14.87
CA LYS A 603 54.71 3.76 -16.13
C LYS A 603 53.70 2.63 -16.31
N VAL A 604 52.43 2.98 -16.48
CA VAL A 604 51.39 1.97 -16.65
C VAL A 604 51.61 1.28 -17.98
N THR A 605 51.93 -0.02 -17.94
CA THR A 605 52.27 -0.76 -19.15
C THR A 605 51.38 -1.97 -19.43
N SER A 606 50.55 -2.38 -18.48
CA SER A 606 49.68 -3.52 -18.70
C SER A 606 48.43 -3.38 -17.83
N LEU A 607 47.31 -3.88 -18.35
CA LEU A 607 46.03 -3.82 -17.67
C LEU A 607 45.59 -5.24 -17.34
N ARG A 608 45.15 -5.45 -16.10
CA ARG A 608 44.67 -6.74 -15.65
C ARG A 608 43.32 -6.57 -14.97
N LYS A 609 42.45 -7.56 -15.15
CA LYS A 609 41.11 -7.54 -14.58
C LYS A 609 41.15 -8.25 -13.24
N VAL A 610 41.34 -7.47 -12.17
CA VAL A 610 41.38 -7.98 -10.82
C VAL A 610 39.98 -7.90 -10.23
N ASP A 611 39.42 -9.05 -9.87
CA ASP A 611 38.09 -9.10 -9.27
C ASP A 611 38.24 -8.75 -7.79
N TRP A 612 38.12 -7.46 -7.49
CA TRP A 612 38.16 -7.02 -6.10
C TRP A 612 37.01 -7.59 -5.29
N GLU A 613 35.90 -7.93 -5.94
CA GLU A 613 34.80 -8.60 -5.26
C GLU A 613 35.10 -10.06 -4.99
N SER A 614 35.98 -10.69 -5.78
CA SER A 614 36.43 -12.04 -5.47
C SER A 614 37.36 -12.03 -4.27
N LEU A 615 37.23 -13.05 -3.43
CA LEU A 615 37.97 -13.12 -2.17
C LEU A 615 39.38 -13.64 -2.44
N ARG A 616 40.15 -12.80 -3.12
CA ARG A 616 41.52 -13.10 -3.50
C ARG A 616 42.37 -11.86 -3.24
N PRO A 617 43.69 -12.01 -3.10
CA PRO A 617 44.55 -10.84 -2.89
C PRO A 617 44.46 -9.90 -4.09
N ASN A 618 43.97 -8.69 -3.85
CA ASN A 618 43.69 -7.73 -4.91
C ASN A 618 44.58 -6.51 -4.71
N PHE A 619 45.22 -6.07 -5.79
CA PHE A 619 46.06 -4.89 -5.77
C PHE A 619 45.89 -4.13 -7.08
N TYR A 620 45.82 -2.80 -6.98
CA TYR A 620 45.66 -1.99 -8.17
C TYR A 620 46.95 -1.92 -8.98
N PHE A 621 48.10 -1.85 -8.30
CA PHE A 621 49.39 -1.70 -8.94
C PHE A 621 50.27 -2.89 -8.59
N ILE A 622 50.92 -3.47 -9.60
CA ILE A 622 51.92 -4.52 -9.42
C ILE A 622 53.21 -4.02 -10.05
N PHE A 623 54.22 -3.79 -9.21
CA PHE A 623 55.50 -3.30 -9.67
C PHE A 623 56.36 -4.44 -10.21
N PRO A 624 57.42 -4.12 -10.94
CA PRO A 624 58.36 -5.16 -11.35
C PRO A 624 59.16 -5.67 -10.15
N GLU A 625 59.70 -6.87 -10.30
CA GLU A 625 60.46 -7.48 -9.22
C GLU A 625 61.67 -6.62 -8.87
N GLY A 626 61.89 -6.43 -7.56
CA GLY A 626 62.99 -5.61 -7.09
C GLY A 626 62.90 -4.16 -7.50
N ALA A 627 61.71 -3.57 -7.43
CA ALA A 627 61.52 -2.17 -7.80
C ALA A 627 61.40 -1.23 -6.61
N LEU A 628 60.99 -1.72 -5.45
CA LEU A 628 60.78 -0.91 -4.26
C LEU A 628 61.69 -1.35 -3.12
N ASP A 629 62.95 -1.63 -3.44
CA ASP A 629 63.90 -2.04 -2.42
C ASP A 629 64.23 -0.90 -1.47
N GLY A 630 64.21 0.34 -1.96
CA GLY A 630 64.46 1.47 -1.07
C GLY A 630 63.39 1.62 -0.01
N GLN A 631 62.13 1.38 -0.38
CA GLN A 631 61.05 1.42 0.59
C GLN A 631 61.16 0.24 1.55
N PRO A 632 60.60 0.38 2.76
CA PRO A 632 60.56 -0.78 3.67
C PRO A 632 59.61 -1.84 3.13
N GLN A 633 60.19 -2.95 2.65
CA GLN A 633 59.41 -3.97 1.96
C GLN A 633 58.63 -4.77 2.99
N SER A 634 57.41 -4.31 3.27
CA SER A 634 56.50 -5.12 4.08
C SER A 634 56.10 -6.36 3.30
N TRP A 635 55.39 -7.26 3.97
CA TRP A 635 55.03 -8.50 3.31
C TRP A 635 53.57 -8.84 3.56
N LEU A 636 53.02 -9.62 2.63
CA LEU A 636 51.66 -10.11 2.72
C LEU A 636 51.64 -11.52 2.15
N THR A 637 50.73 -12.33 2.66
CA THR A 637 50.57 -13.69 2.18
C THR A 637 49.24 -14.22 2.68
N SER A 638 48.99 -15.49 2.39
CA SER A 638 47.75 -16.12 2.77
C SER A 638 47.96 -17.62 2.86
N PHE A 639 47.05 -18.28 3.57
CA PHE A 639 47.09 -19.73 3.69
C PHE A 639 45.71 -20.24 4.06
N ARG A 640 45.52 -21.54 3.90
CA ARG A 640 44.25 -22.19 4.16
C ARG A 640 44.41 -23.15 5.34
N TRP A 641 43.53 -23.02 6.33
CA TRP A 641 43.53 -23.92 7.47
C TRP A 641 42.10 -24.11 7.96
N GLU A 642 41.80 -25.33 8.43
CA GLU A 642 40.45 -25.65 8.86
C GLU A 642 40.40 -26.51 10.11
N ASN A 643 41.53 -26.79 10.77
CA ASN A 643 41.55 -27.73 11.89
C ASN A 643 42.26 -27.07 13.07
N GLY A 644 41.49 -26.69 14.08
CA GLY A 644 42.04 -26.20 15.33
C GLY A 644 42.55 -24.78 15.22
N ASN A 645 42.89 -24.22 16.38
CA ASN A 645 43.42 -22.88 16.47
C ASN A 645 44.75 -22.80 17.24
N GLY A 646 45.24 -23.93 17.75
CA GLY A 646 46.51 -23.90 18.47
C GLY A 646 47.67 -23.50 17.60
N MET A 647 47.63 -23.85 16.31
CA MET A 647 48.67 -23.41 15.40
C MET A 647 48.68 -21.89 15.26
N LEU A 648 47.49 -21.27 15.20
CA LEU A 648 47.42 -19.82 15.22
C LEU A 648 48.06 -19.27 16.48
N THR A 649 47.77 -19.88 17.62
CA THR A 649 48.31 -19.41 18.90
C THR A 649 49.83 -19.48 18.91
N GLN A 650 50.39 -20.62 18.49
CA GLN A 650 51.84 -20.78 18.54
C GLN A 650 52.53 -19.90 17.50
N LEU A 651 51.91 -19.69 16.33
CA LEU A 651 52.47 -18.77 15.36
C LEU A 651 52.48 -17.33 15.89
N ASN A 652 51.39 -16.93 16.56
CA ASN A 652 51.33 -15.60 17.12
C ASN A 652 52.36 -15.42 18.23
N ARG A 653 52.55 -16.44 19.07
CA ARG A 653 53.58 -16.36 20.10
C ARG A 653 54.97 -16.28 19.47
N GLN A 654 55.20 -17.04 18.40
CA GLN A 654 56.48 -16.98 17.70
C GLN A 654 56.69 -15.60 17.09
N PHE A 655 55.65 -15.03 16.49
CA PHE A 655 55.74 -13.74 15.81
C PHE A 655 54.62 -12.83 16.31
N PRO A 656 54.82 -12.18 17.44
CA PRO A 656 53.82 -11.19 17.90
C PRO A 656 53.70 -9.99 16.98
N THR A 657 54.72 -9.71 16.17
CA THR A 657 54.70 -8.52 15.33
C THR A 657 53.80 -8.68 14.11
N ILE A 658 53.71 -9.89 13.56
CA ILE A 658 52.98 -10.10 12.32
C ILE A 658 51.49 -9.85 12.54
N SER A 659 50.84 -9.34 11.50
CA SER A 659 49.41 -9.04 11.55
C SER A 659 48.63 -10.19 10.94
N LEU A 660 47.71 -10.75 11.70
CA LEU A 660 46.92 -11.89 11.25
C LEU A 660 45.49 -11.44 10.98
N LEU A 661 44.88 -12.03 9.95
CA LEU A 661 43.51 -11.71 9.57
C LEU A 661 42.78 -12.99 9.24
N ASP A 662 41.75 -13.30 10.03
CA ASP A 662 40.92 -14.48 9.78
C ASP A 662 39.72 -14.07 8.93
N ILE A 663 39.60 -14.68 7.76
CA ILE A 663 38.42 -14.42 6.94
C ILE A 663 37.17 -14.95 7.63
N GLY A 664 37.30 -16.07 8.34
CA GLY A 664 36.14 -16.62 9.03
C GLY A 664 35.64 -15.73 10.15
N ALA A 665 36.57 -15.19 10.94
CA ALA A 665 36.16 -14.32 12.06
C ALA A 665 35.49 -13.06 11.56
N ILE A 666 36.09 -12.39 10.58
CA ILE A 666 35.50 -11.18 10.04
C ILE A 666 34.20 -11.49 9.33
N LEU A 667 34.11 -12.64 8.67
CA LEU A 667 32.87 -13.03 8.02
C LEU A 667 31.77 -13.24 9.05
N LYS A 668 32.07 -13.91 10.15
CA LYS A 668 31.07 -14.10 11.20
C LYS A 668 30.65 -12.78 11.81
N GLN A 669 31.61 -11.87 12.01
CA GLN A 669 31.28 -10.56 12.57
C GLN A 669 30.37 -9.77 11.64
N VAL A 670 30.70 -9.74 10.34
CA VAL A 670 29.82 -9.06 9.41
C VAL A 670 28.49 -9.79 9.30
N GLY A 671 28.48 -11.10 9.55
CA GLY A 671 27.24 -11.84 9.52
C GLY A 671 26.29 -11.44 10.65
N GLN A 672 26.83 -11.30 11.86
CA GLN A 672 25.96 -10.87 12.95
C GLN A 672 25.57 -9.40 12.79
N VAL A 673 26.45 -8.58 12.22
CA VAL A 673 26.06 -7.21 11.90
C VAL A 673 24.91 -7.21 10.90
N LEU A 674 25.00 -8.07 9.88
CA LEU A 674 23.92 -8.21 8.92
C LEU A 674 22.65 -8.75 9.57
N GLU A 675 22.78 -9.61 10.56
CA GLU A 675 21.62 -10.09 11.28
C GLU A 675 20.93 -8.95 12.02
N GLN A 676 21.70 -8.07 12.64
CA GLN A 676 21.11 -6.94 13.35
C GLN A 676 20.40 -5.99 12.37
N VAL A 677 21.08 -5.62 11.29
CA VAL A 677 20.42 -4.77 10.31
C VAL A 677 19.26 -5.52 9.68
N SER A 678 19.29 -6.85 9.73
CA SER A 678 18.17 -7.63 9.24
C SER A 678 16.96 -7.50 10.16
N ARG A 679 17.19 -7.47 11.47
CA ARG A 679 16.08 -7.21 12.38
C ARG A 679 15.52 -5.81 12.14
N ALA A 680 16.39 -4.84 11.92
CA ALA A 680 15.90 -3.50 11.57
C ALA A 680 15.04 -3.55 10.31
N LEU A 681 15.54 -4.24 9.27
CA LEU A 681 14.82 -4.26 8.02
C LEU A 681 13.54 -5.07 8.12
N GLU A 682 13.47 -6.05 9.03
CA GLU A 682 12.22 -6.77 9.18
C GLU A 682 11.19 -5.92 9.90
N VAL A 683 11.63 -5.05 10.80
CA VAL A 683 10.70 -4.03 11.32
C VAL A 683 10.17 -3.18 10.17
N MET A 684 11.07 -2.76 9.28
CA MET A 684 10.64 -1.97 8.13
C MET A 684 9.68 -2.76 7.25
N VAL A 685 9.94 -4.05 7.06
CA VAL A 685 9.07 -4.89 6.23
C VAL A 685 7.72 -5.07 6.88
N VAL A 686 7.67 -5.20 8.21
CA VAL A 686 6.38 -5.25 8.89
C VAL A 686 5.61 -3.97 8.62
N LEU A 687 6.27 -2.83 8.69
CA LEU A 687 5.58 -1.57 8.42
C LEU A 687 5.07 -1.51 6.98
N VAL A 688 5.93 -1.87 6.02
CA VAL A 688 5.55 -1.73 4.61
C VAL A 688 4.49 -2.76 4.24
N THR A 689 4.52 -3.95 4.82
CA THR A 689 3.49 -4.93 4.53
C THR A 689 2.19 -4.58 5.24
N ALA A 690 2.26 -3.87 6.36
CA ALA A 690 1.04 -3.29 6.91
C ALA A 690 0.45 -2.27 5.96
N CYS A 691 1.31 -1.47 5.33
CA CYS A 691 0.82 -0.53 4.32
C CYS A 691 0.20 -1.26 3.14
N GLY A 692 0.84 -2.33 2.69
CA GLY A 692 0.27 -3.13 1.61
C GLY A 692 -1.04 -3.79 2.01
N MET A 693 -1.13 -4.20 3.28
CA MET A 693 -2.38 -4.74 3.81
C MET A 693 -3.47 -3.68 3.77
N LEU A 694 -3.11 -2.44 4.08
CA LEU A 694 -4.04 -1.34 3.95
C LEU A 694 -4.49 -1.17 2.52
N LEU A 695 -3.54 -1.26 1.58
CA LEU A 695 -3.91 -1.16 0.17
C LEU A 695 -4.87 -2.27 -0.21
N LEU A 696 -4.65 -3.47 0.33
CA LEU A 696 -5.54 -4.59 0.05
C LEU A 696 -6.93 -4.33 0.59
N LEU A 697 -7.01 -3.86 1.84
CA LEU A 697 -8.31 -3.54 2.41
C LEU A 697 -9.04 -2.49 1.59
N ALA A 698 -8.31 -1.46 1.16
CA ALA A 698 -8.94 -0.41 0.37
C ALA A 698 -9.39 -0.93 -0.99
N GLN A 699 -8.53 -1.71 -1.65
CA GLN A 699 -8.84 -2.17 -3.00
C GLN A 699 -9.97 -3.18 -2.99
N VAL A 700 -10.17 -3.89 -1.88
CA VAL A 700 -11.35 -4.73 -1.80
C VAL A 700 -12.55 -3.92 -1.34
N GLN A 701 -12.33 -2.84 -0.58
CA GLN A 701 -13.43 -1.98 -0.17
C GLN A 701 -14.09 -1.31 -1.37
N VAL A 702 -13.28 -0.86 -2.34
CA VAL A 702 -13.87 -0.31 -3.55
C VAL A 702 -14.63 -1.38 -4.31
N GLY A 703 -14.37 -2.66 -4.02
CA GLY A 703 -15.11 -3.73 -4.65
C GLY A 703 -16.17 -4.35 -3.77
N MET A 704 -16.47 -3.72 -2.62
CA MET A 704 -17.51 -4.24 -1.75
C MET A 704 -18.83 -4.42 -2.46
N ARG A 705 -19.28 -3.41 -3.21
CA ARG A 705 -20.59 -3.51 -3.85
C ARG A 705 -20.61 -4.64 -4.88
N GLN A 706 -19.64 -4.63 -5.79
CA GLN A 706 -19.61 -5.64 -6.83
C GLN A 706 -19.41 -7.03 -6.26
N ARG A 707 -18.44 -7.19 -5.35
CA ARG A 707 -18.20 -8.51 -4.78
C ARG A 707 -19.41 -9.00 -4.00
N HIS A 708 -20.07 -8.11 -3.26
CA HIS A 708 -21.23 -8.51 -2.49
C HIS A 708 -22.36 -8.96 -3.40
N GLN A 709 -22.59 -8.24 -4.49
CA GLN A 709 -23.65 -8.68 -5.39
C GLN A 709 -23.26 -9.97 -6.11
N GLU A 710 -21.96 -10.19 -6.33
CA GLU A 710 -21.51 -11.49 -6.85
C GLU A 710 -21.86 -12.62 -5.89
N LEU A 711 -21.56 -12.43 -4.61
CA LEU A 711 -21.92 -13.46 -3.64
C LEU A 711 -23.43 -13.65 -3.58
N VAL A 712 -24.19 -12.57 -3.77
CA VAL A 712 -25.65 -12.70 -3.84
C VAL A 712 -26.05 -13.58 -5.01
N VAL A 713 -25.44 -13.35 -6.17
CA VAL A 713 -25.73 -14.15 -7.36
C VAL A 713 -25.43 -15.62 -7.07
N TRP A 714 -24.27 -15.88 -6.48
CA TRP A 714 -23.89 -17.26 -6.21
C TRP A 714 -24.86 -17.92 -5.24
N ARG A 715 -25.26 -17.19 -4.20
CA ARG A 715 -26.22 -17.73 -3.24
C ARG A 715 -27.55 -18.06 -3.90
N THR A 716 -28.04 -17.15 -4.74
CA THR A 716 -29.30 -17.42 -5.43
C THR A 716 -29.17 -18.62 -6.35
N LEU A 717 -28.05 -18.72 -7.06
CA LEU A 717 -27.90 -19.80 -8.03
C LEU A 717 -27.85 -21.16 -7.35
N GLY A 718 -27.27 -21.24 -6.16
CA GLY A 718 -27.25 -22.50 -5.44
C GLY A 718 -25.90 -22.82 -4.82
N ALA A 719 -24.96 -21.90 -4.91
CA ALA A 719 -23.65 -22.11 -4.30
C ALA A 719 -23.79 -22.19 -2.79
N GLY A 720 -23.13 -23.18 -2.19
CA GLY A 720 -23.21 -23.35 -0.76
C GLY A 720 -22.41 -22.32 0.01
N LYS A 721 -22.84 -22.10 1.25
CA LYS A 721 -22.10 -21.19 2.12
C LYS A 721 -20.66 -21.66 2.31
N LYS A 722 -20.49 -22.97 2.56
CA LYS A 722 -19.14 -23.52 2.67
C LYS A 722 -18.39 -23.34 1.36
N LEU A 723 -19.09 -23.52 0.23
CA LEU A 723 -18.43 -23.34 -1.05
C LEU A 723 -17.93 -21.91 -1.23
N LEU A 724 -18.74 -20.93 -0.85
CA LEU A 724 -18.33 -19.54 -1.00
C LEU A 724 -17.19 -19.19 -0.05
N ARG A 725 -17.27 -19.67 1.21
CA ARG A 725 -16.20 -19.41 2.14
C ARG A 725 -14.90 -20.02 1.65
N THR A 726 -14.95 -21.24 1.13
CA THR A 726 -13.77 -21.86 0.54
C THR A 726 -13.32 -21.12 -0.70
N THR A 727 -14.27 -20.54 -1.45
CA THR A 727 -13.90 -19.77 -2.63
C THR A 727 -13.06 -18.57 -2.24
N LEU A 728 -13.49 -17.84 -1.21
CA LEU A 728 -12.71 -16.69 -0.75
C LEU A 728 -11.38 -17.13 -0.15
N TRP A 729 -11.39 -18.21 0.64
CA TRP A 729 -10.15 -18.75 1.19
C TRP A 729 -9.15 -19.02 0.09
N CYS A 730 -9.56 -19.79 -0.92
CA CYS A 730 -8.66 -20.20 -1.99
C CYS A 730 -8.25 -19.00 -2.83
N GLU A 731 -9.17 -18.05 -3.03
CA GLU A 731 -8.83 -16.86 -3.79
C GLU A 731 -7.69 -16.10 -3.15
N PHE A 732 -7.86 -15.73 -1.89
CA PHE A 732 -6.83 -14.91 -1.28
C PHE A 732 -5.56 -15.71 -1.06
N ALA A 733 -5.69 -17.00 -0.71
CA ALA A 733 -4.52 -17.84 -0.53
C ALA A 733 -3.71 -17.93 -1.81
N MET A 734 -4.38 -18.10 -2.95
CA MET A 734 -3.64 -18.20 -4.19
C MET A 734 -3.12 -16.86 -4.67
N LEU A 735 -3.79 -15.76 -4.34
CA LEU A 735 -3.22 -14.45 -4.64
C LEU A 735 -1.91 -14.25 -3.89
N GLY A 736 -1.92 -14.53 -2.60
CA GLY A 736 -0.69 -14.46 -1.83
C GLY A 736 0.35 -15.46 -2.32
N PHE A 737 -0.12 -16.63 -2.77
CA PHE A 737 0.77 -17.67 -3.27
C PHE A 737 1.50 -17.23 -4.52
N VAL A 738 0.77 -16.64 -5.47
CA VAL A 738 1.42 -16.18 -6.69
C VAL A 738 2.29 -14.97 -6.40
N SER A 739 1.90 -14.13 -5.44
CA SER A 739 2.80 -13.06 -5.01
C SER A 739 4.10 -13.64 -4.47
N GLY A 740 4.00 -14.73 -3.71
CA GLY A 740 5.18 -15.36 -3.17
C GLY A 740 6.07 -15.95 -4.25
N LEU A 741 5.46 -16.59 -5.25
CA LEU A 741 6.25 -17.09 -6.38
C LEU A 741 6.92 -15.95 -7.15
N VAL A 742 6.21 -14.83 -7.31
CA VAL A 742 6.83 -13.69 -7.97
C VAL A 742 8.02 -13.20 -7.17
N ALA A 743 7.86 -13.12 -5.84
CA ALA A 743 8.97 -12.70 -5.00
C ALA A 743 10.13 -13.68 -5.07
N ALA A 744 9.82 -14.98 -5.10
CA ALA A 744 10.85 -15.99 -5.21
C ALA A 744 11.60 -15.86 -6.53
N ILE A 745 10.89 -15.59 -7.61
CA ILE A 745 11.53 -15.41 -8.91
C ILE A 745 12.44 -14.20 -8.88
N GLY A 746 11.97 -13.09 -8.31
CA GLY A 746 12.80 -11.90 -8.21
C GLY A 746 14.06 -12.16 -7.39
N ALA A 747 13.89 -12.83 -6.25
CA ALA A 747 15.04 -13.13 -5.40
C ALA A 747 16.02 -14.06 -6.11
N GLU A 748 15.51 -15.08 -6.80
CA GLU A 748 16.38 -16.01 -7.50
C GLU A 748 17.16 -15.28 -8.60
N THR A 749 16.49 -14.37 -9.32
CA THR A 749 17.20 -13.59 -10.32
C THR A 749 18.26 -12.71 -9.68
N ALA A 750 17.96 -12.14 -8.51
CA ALA A 750 18.96 -11.35 -7.80
C ALA A 750 20.18 -12.19 -7.45
N LEU A 751 19.95 -13.39 -6.91
CA LEU A 751 21.06 -14.26 -6.57
C LEU A 751 21.85 -14.64 -7.82
N ALA A 752 21.16 -14.95 -8.92
CA ALA A 752 21.85 -15.35 -10.13
C ALA A 752 22.72 -14.22 -10.67
N VAL A 753 22.19 -12.99 -10.68
CA VAL A 753 22.97 -11.88 -11.22
C VAL A 753 24.13 -11.54 -10.29
N LEU A 754 23.94 -11.70 -8.98
CA LEU A 754 25.04 -11.43 -8.06
C LEU A 754 26.11 -12.51 -8.13
N GLN A 755 25.73 -13.76 -8.35
CA GLN A 755 26.69 -14.85 -8.39
C GLN A 755 27.24 -15.13 -9.77
N ALA A 756 26.74 -14.46 -10.80
CA ALA A 756 27.23 -14.67 -12.16
C ALA A 756 28.08 -13.51 -12.66
N LYS A 757 27.71 -12.27 -12.31
CA LYS A 757 28.43 -11.10 -12.77
C LYS A 757 29.27 -10.45 -11.69
N VAL A 758 28.82 -10.49 -10.44
CA VAL A 758 29.48 -9.79 -9.34
C VAL A 758 30.39 -10.71 -8.54
N PHE A 759 29.86 -11.83 -8.07
CA PHE A 759 30.60 -12.71 -7.17
C PHE A 759 31.12 -13.97 -7.85
N ASP A 760 30.76 -14.22 -9.10
CA ASP A 760 31.17 -15.38 -9.90
C ASP A 760 31.11 -16.70 -9.13
N PHE A 761 30.18 -16.81 -8.15
CA PHE A 761 30.03 -18.13 -7.55
C PHE A 761 29.01 -18.96 -8.33
N PRO A 762 29.19 -20.28 -8.35
CA PRO A 762 28.19 -21.13 -9.00
C PRO A 762 26.85 -20.97 -8.32
N TRP A 763 25.79 -21.01 -9.13
CA TRP A 763 24.44 -20.76 -8.65
C TRP A 763 23.72 -22.06 -8.33
N GLU A 764 23.05 -22.08 -7.19
CA GLU A 764 22.17 -23.17 -6.81
C GLU A 764 20.81 -22.60 -6.42
N PRO A 765 19.73 -23.35 -6.65
CA PRO A 765 18.40 -22.89 -6.26
C PRO A 765 18.17 -23.09 -4.77
N ASP A 766 17.89 -22.01 -4.06
CA ASP A 766 17.59 -22.09 -2.63
C ASP A 766 16.14 -22.51 -2.46
N TRP A 767 15.92 -23.82 -2.33
CA TRP A 767 14.56 -24.31 -2.16
C TRP A 767 13.95 -23.84 -0.85
N ARG A 768 14.77 -23.49 0.14
CA ARG A 768 14.24 -23.03 1.42
C ARG A 768 13.39 -21.78 1.25
N LEU A 769 13.90 -20.80 0.49
CA LEU A 769 13.11 -19.60 0.24
C LEU A 769 11.82 -19.94 -0.51
N TRP A 770 11.93 -20.78 -1.54
CA TRP A 770 10.76 -21.12 -2.34
C TRP A 770 9.71 -21.88 -1.55
N ILE A 771 10.08 -22.54 -0.45
CA ILE A 771 9.11 -23.27 0.33
C ILE A 771 8.62 -22.49 1.55
N VAL A 772 9.35 -21.47 1.98
CA VAL A 772 8.94 -20.68 3.15
C VAL A 772 8.18 -19.42 2.76
N LEU A 773 8.70 -18.66 1.79
CA LEU A 773 8.14 -17.35 1.50
C LEU A 773 6.73 -17.40 0.92
N PRO A 774 6.49 -18.04 -0.24
CA PRO A 774 5.13 -18.04 -0.78
C PRO A 774 4.13 -18.70 0.15
N CYS A 775 4.54 -19.72 0.90
CA CYS A 775 3.63 -20.33 1.86
C CYS A 775 3.22 -19.34 2.93
N SER A 776 4.17 -18.55 3.43
CA SER A 776 3.83 -17.52 4.43
C SER A 776 2.88 -16.49 3.85
N GLY A 777 3.14 -16.03 2.62
CA GLY A 777 2.24 -15.10 2.00
C GLY A 777 0.85 -15.66 1.84
N ALA A 778 0.76 -16.93 1.41
CA ALA A 778 -0.53 -17.57 1.25
C ALA A 778 -1.25 -17.70 2.58
N LEU A 779 -0.53 -18.05 3.64
CA LEU A 779 -1.16 -18.20 4.95
C LEU A 779 -1.72 -16.87 5.43
N LEU A 780 -0.94 -15.80 5.31
CA LEU A 780 -1.42 -14.49 5.73
C LEU A 780 -2.65 -14.08 4.93
N LEU A 781 -2.57 -14.23 3.60
CA LEU A 781 -3.69 -13.83 2.77
C LEU A 781 -4.92 -14.69 3.03
N SER A 782 -4.74 -15.97 3.33
CA SER A 782 -5.87 -16.84 3.60
C SER A 782 -6.51 -16.51 4.94
N LEU A 783 -5.70 -16.10 5.92
CA LEU A 783 -6.26 -15.61 7.18
C LEU A 783 -7.13 -14.38 6.91
N PHE A 784 -6.62 -13.46 6.11
CA PHE A 784 -7.42 -12.30 5.75
C PHE A 784 -8.71 -12.70 5.04
N GLY A 785 -8.59 -13.63 4.09
CA GLY A 785 -9.77 -14.06 3.35
C GLY A 785 -10.79 -14.74 4.25
N GLY A 786 -10.33 -15.49 5.25
CA GLY A 786 -11.25 -16.09 6.19
C GLY A 786 -12.00 -15.04 6.99
N TRP A 787 -11.29 -14.03 7.48
CA TRP A 787 -11.98 -12.96 8.19
C TRP A 787 -12.99 -12.26 7.28
N LEU A 788 -12.59 -11.99 6.03
CA LEU A 788 -13.48 -11.29 5.12
C LEU A 788 -14.72 -12.13 4.82
N GLY A 789 -14.53 -13.43 4.60
CA GLY A 789 -15.67 -14.30 4.34
C GLY A 789 -16.60 -14.40 5.53
N ALA A 790 -16.04 -14.44 6.73
CA ALA A 790 -16.88 -14.43 7.92
C ALA A 790 -17.68 -13.15 8.01
N ARG A 791 -17.07 -12.01 7.66
CA ARG A 791 -17.80 -10.76 7.70
C ARG A 791 -18.86 -10.67 6.60
N LEU A 792 -18.62 -11.30 5.46
CA LEU A 792 -19.54 -11.20 4.33
C LEU A 792 -20.55 -12.33 4.28
N VAL A 793 -20.10 -13.58 4.36
CA VAL A 793 -20.94 -14.73 4.09
C VAL A 793 -21.70 -15.18 5.33
N LYS A 794 -21.02 -15.24 6.48
CA LYS A 794 -21.68 -15.71 7.70
C LYS A 794 -22.88 -14.86 8.06
N GLY A 795 -22.82 -13.57 7.77
CA GLY A 795 -23.98 -12.72 7.96
C GLY A 795 -25.15 -13.17 7.12
N LYS A 796 -26.34 -13.22 7.72
CA LYS A 796 -27.53 -13.66 7.02
C LYS A 796 -28.17 -12.57 6.18
N ALA A 797 -27.62 -11.36 6.21
CA ALA A 797 -28.12 -10.23 5.43
C ALA A 797 -27.83 -10.34 3.95
N LEU A 798 -27.36 -11.51 3.49
CA LEU A 798 -27.07 -11.69 2.07
C LEU A 798 -28.33 -11.62 1.21
N PHE A 799 -29.51 -11.79 1.81
CA PHE A 799 -30.75 -11.73 1.06
C PHE A 799 -31.60 -10.54 1.50
N GLU B 18 -51.61 34.96 -5.94
CA GLU B 18 -50.18 34.69 -6.17
C GLU B 18 -49.95 33.27 -6.66
N ASN B 19 -49.41 33.16 -7.87
CA ASN B 19 -49.07 31.87 -8.47
C ASN B 19 -47.70 31.46 -7.95
N ILE B 20 -47.67 30.41 -7.12
CA ILE B 20 -46.42 30.00 -6.50
C ILE B 20 -45.47 29.41 -7.52
N VAL B 21 -46.00 28.65 -8.49
CA VAL B 21 -45.20 27.99 -9.50
C VAL B 21 -45.78 28.31 -10.87
N GLU B 22 -44.97 28.88 -11.75
CA GLU B 22 -45.38 29.26 -13.09
C GLU B 22 -44.43 28.62 -14.10
N VAL B 23 -45.00 28.00 -15.13
CA VAL B 23 -44.25 27.32 -16.16
C VAL B 23 -44.67 27.89 -17.51
N HIS B 24 -43.70 28.24 -18.35
CA HIS B 24 -43.99 28.86 -19.63
C HIS B 24 -43.14 28.21 -20.71
N HIS B 25 -43.78 27.40 -21.56
CA HIS B 25 -43.18 26.75 -22.74
C HIS B 25 -41.79 26.23 -22.43
N LEU B 26 -41.74 25.31 -21.47
CA LEU B 26 -40.47 24.68 -21.09
C LEU B 26 -40.15 23.57 -22.08
N LYS B 27 -39.16 23.81 -22.93
CA LYS B 27 -38.66 22.82 -23.87
C LYS B 27 -37.37 22.25 -23.34
N LYS B 28 -37.27 20.92 -23.32
CA LYS B 28 -36.08 20.24 -22.82
C LYS B 28 -35.67 19.15 -23.79
N SER B 29 -34.39 19.14 -24.14
CA SER B 29 -33.83 18.13 -25.04
C SER B 29 -32.57 17.55 -24.42
N VAL B 30 -32.41 16.24 -24.57
CA VAL B 30 -31.24 15.53 -24.07
C VAL B 30 -30.56 14.85 -25.25
N GLY B 31 -29.25 15.08 -25.38
CA GLY B 31 -28.47 14.52 -26.46
C GLY B 31 -28.11 15.58 -27.48
N GLN B 32 -27.33 15.15 -28.48
CA GLN B 32 -26.85 16.02 -29.53
C GLN B 32 -27.03 15.33 -30.89
N GLY B 33 -27.40 16.11 -31.89
CA GLY B 33 -27.54 15.55 -33.23
C GLY B 33 -28.73 14.61 -33.31
N GLU B 34 -28.48 13.43 -33.87
CA GLU B 34 -29.57 12.48 -34.12
C GLU B 34 -30.19 12.00 -32.82
N HIS B 35 -29.37 11.73 -31.80
CA HIS B 35 -29.85 11.21 -30.54
C HIS B 35 -30.23 12.31 -29.55
N GLU B 36 -30.53 13.51 -30.04
CA GLU B 36 -31.01 14.59 -29.19
C GLU B 36 -32.47 14.34 -28.89
N LEU B 37 -32.73 13.67 -27.77
CA LEU B 37 -34.10 13.30 -27.39
C LEU B 37 -34.76 14.51 -26.76
N SER B 38 -35.64 15.17 -27.51
CA SER B 38 -36.41 16.30 -27.00
C SER B 38 -37.52 15.74 -26.11
N ILE B 39 -37.17 15.49 -24.86
CA ILE B 39 -38.11 14.88 -23.93
C ILE B 39 -39.29 15.81 -23.67
N LEU B 40 -39.02 17.11 -23.53
CA LEU B 40 -40.06 18.10 -23.29
C LEU B 40 -40.04 19.14 -24.40
N THR B 41 -41.21 19.38 -24.98
CA THR B 41 -41.36 20.25 -26.15
C THR B 41 -42.31 21.40 -25.85
N GLY B 42 -42.25 21.95 -24.64
CA GLY B 42 -43.12 23.05 -24.28
C GLY B 42 -44.09 22.71 -23.18
N VAL B 43 -43.92 23.34 -22.01
CA VAL B 43 -44.78 23.11 -20.87
C VAL B 43 -45.31 24.46 -20.39
N GLU B 44 -46.61 24.54 -20.18
CA GLU B 44 -47.26 25.72 -19.64
C GLU B 44 -48.07 25.30 -18.42
N LEU B 45 -47.66 25.73 -17.24
CA LEU B 45 -48.36 25.36 -16.01
C LEU B 45 -48.25 26.47 -14.99
N VAL B 46 -49.38 26.83 -14.40
CA VAL B 46 -49.45 27.79 -13.31
C VAL B 46 -50.04 27.09 -12.10
N VAL B 47 -49.33 27.15 -10.98
CA VAL B 47 -49.73 26.46 -9.76
C VAL B 47 -50.09 27.52 -8.73
N LYS B 48 -51.36 27.56 -8.36
CA LYS B 48 -51.82 28.46 -7.31
C LYS B 48 -51.40 27.93 -5.95
N ARG B 49 -51.27 28.84 -4.98
CA ARG B 49 -50.89 28.45 -3.63
C ARG B 49 -52.00 27.61 -2.99
N GLY B 50 -51.59 26.59 -2.25
CA GLY B 50 -52.52 25.67 -1.62
C GLY B 50 -53.06 24.58 -2.54
N GLU B 51 -52.65 24.54 -3.80
CA GLU B 51 -53.15 23.56 -4.73
C GLU B 51 -52.45 22.22 -4.53
N THR B 52 -53.17 21.14 -4.85
CA THR B 52 -52.61 19.80 -4.81
C THR B 52 -52.56 19.28 -6.24
N ILE B 53 -51.37 19.35 -6.83
CA ILE B 53 -51.13 18.89 -8.19
C ILE B 53 -50.36 17.58 -8.15
N ALA B 54 -50.77 16.64 -8.99
CA ALA B 54 -50.09 15.36 -9.10
C ALA B 54 -49.71 15.11 -10.55
N LEU B 55 -48.42 14.89 -10.79
CA LEU B 55 -47.92 14.58 -12.12
C LEU B 55 -47.87 13.08 -12.31
N VAL B 56 -48.44 12.60 -13.42
CA VAL B 56 -48.48 11.17 -13.72
C VAL B 56 -47.97 10.95 -15.13
N GLY B 57 -47.68 9.68 -15.42
CA GLY B 57 -47.19 9.29 -16.72
C GLY B 57 -46.40 8.01 -16.61
N GLU B 58 -46.06 7.47 -17.77
CA GLU B 58 -45.27 6.25 -17.82
C GLU B 58 -43.85 6.52 -17.32
N SER B 59 -43.28 5.52 -16.66
CA SER B 59 -41.96 5.66 -16.06
C SER B 59 -40.91 5.91 -17.13
N GLY B 60 -39.96 6.79 -16.82
CA GLY B 60 -38.89 7.11 -17.75
C GLY B 60 -39.26 8.04 -18.87
N SER B 61 -40.49 8.57 -18.88
CA SER B 61 -40.93 9.48 -19.92
C SER B 61 -40.55 10.92 -19.62
N GLY B 62 -39.52 11.13 -18.81
CA GLY B 62 -39.09 12.47 -18.47
C GLY B 62 -39.83 13.10 -17.30
N LYS B 63 -40.70 12.35 -16.63
CA LYS B 63 -41.38 12.90 -15.45
C LYS B 63 -40.38 13.34 -14.40
N SER B 64 -39.34 12.53 -14.18
CA SER B 64 -38.27 12.92 -13.26
C SER B 64 -37.56 14.17 -13.78
N THR B 65 -37.34 14.26 -15.09
CA THR B 65 -36.70 15.44 -15.65
C THR B 65 -37.54 16.69 -15.43
N LEU B 66 -38.85 16.58 -15.66
CA LEU B 66 -39.73 17.72 -15.44
C LEU B 66 -39.77 18.10 -13.97
N LEU B 67 -39.75 17.10 -13.09
CA LEU B 67 -39.71 17.39 -11.66
C LEU B 67 -38.44 18.13 -11.29
N ALA B 68 -37.30 17.68 -11.82
CA ALA B 68 -36.04 18.32 -11.50
C ALA B 68 -35.99 19.76 -12.02
N ILE B 69 -36.49 19.99 -13.23
CA ILE B 69 -36.49 21.35 -13.74
C ILE B 69 -37.50 22.22 -12.98
N LEU B 70 -38.56 21.62 -12.46
CA LEU B 70 -39.54 22.38 -11.69
C LEU B 70 -38.91 22.97 -10.43
N ALA B 71 -38.09 22.20 -9.73
CA ALA B 71 -37.45 22.65 -8.51
C ALA B 71 -36.10 23.32 -8.78
N GLY B 72 -35.76 23.56 -10.04
CA GLY B 72 -34.55 24.29 -10.34
C GLY B 72 -33.27 23.52 -10.11
N LEU B 73 -33.33 22.19 -10.12
CA LEU B 73 -32.12 21.42 -9.97
C LEU B 73 -31.20 21.56 -11.17
N ASP B 74 -31.78 21.72 -12.36
CA ASP B 74 -31.00 21.87 -13.59
C ASP B 74 -31.61 23.01 -14.39
N ASP B 75 -31.17 23.13 -15.64
CA ASP B 75 -31.70 24.11 -16.57
C ASP B 75 -32.18 23.41 -17.84
N GLY B 76 -33.26 23.93 -18.43
CA GLY B 76 -33.84 23.34 -19.61
C GLY B 76 -33.29 23.95 -20.89
N SER B 77 -33.70 23.36 -22.01
CA SER B 77 -33.29 23.90 -23.31
C SER B 77 -33.81 25.32 -23.49
N SER B 78 -35.06 25.56 -23.11
CA SER B 78 -35.67 26.87 -23.20
C SER B 78 -36.97 26.86 -22.41
N GLY B 79 -37.38 28.04 -21.98
CA GLY B 79 -38.61 28.18 -21.22
C GLY B 79 -38.49 29.17 -20.08
N GLU B 80 -39.58 29.38 -19.35
CA GLU B 80 -39.60 30.30 -18.22
C GLU B 80 -40.15 29.58 -17.00
N VAL B 81 -39.34 29.50 -15.95
CA VAL B 81 -39.74 28.89 -14.69
C VAL B 81 -39.73 29.96 -13.62
N SER B 82 -40.86 30.10 -12.93
CA SER B 82 -41.02 31.10 -11.88
C SER B 82 -41.48 30.37 -10.62
N LEU B 83 -40.54 30.11 -9.72
CA LEU B 83 -40.83 29.52 -8.42
C LEU B 83 -40.79 30.64 -7.38
N VAL B 84 -41.94 30.89 -6.75
CA VAL B 84 -42.10 31.99 -5.81
C VAL B 84 -41.72 33.29 -6.53
N GLY B 85 -42.01 33.35 -7.82
CA GLY B 85 -41.76 34.55 -8.60
C GLY B 85 -40.30 34.92 -8.78
N GLN B 86 -39.44 33.95 -9.09
CA GLN B 86 -38.08 34.24 -9.46
C GLN B 86 -37.71 33.56 -10.77
N PRO B 87 -36.83 34.16 -11.56
CA PRO B 87 -36.41 33.59 -12.88
C PRO B 87 -35.32 32.54 -12.76
N LEU B 88 -35.75 31.30 -12.50
CA LEU B 88 -34.81 30.21 -12.23
C LEU B 88 -33.78 30.05 -13.33
N HIS B 89 -34.15 30.33 -14.57
CA HIS B 89 -33.22 30.22 -15.68
C HIS B 89 -32.08 31.23 -15.57
N ASN B 90 -32.23 32.25 -14.73
CA ASN B 90 -31.24 33.32 -14.64
C ASN B 90 -30.30 33.15 -13.46
N MET B 91 -30.78 32.73 -12.30
CA MET B 91 -29.91 32.63 -11.15
C MET B 91 -28.93 31.47 -11.29
N ASP B 92 -27.85 31.54 -10.53
CA ASP B 92 -26.84 30.50 -10.52
C ASP B 92 -27.31 29.34 -9.64
N GLU B 93 -26.41 28.40 -9.36
CA GLU B 93 -26.77 27.28 -8.50
C GLU B 93 -26.85 27.70 -7.04
N GLU B 94 -26.05 28.69 -6.63
CA GLU B 94 -26.07 29.12 -5.23
C GLU B 94 -27.42 29.72 -4.87
N ALA B 95 -27.93 30.61 -5.72
CA ALA B 95 -29.23 31.21 -5.46
C ALA B 95 -30.33 30.15 -5.49
N ARG B 96 -30.23 29.19 -6.41
CA ARG B 96 -31.20 28.11 -6.44
C ARG B 96 -31.16 27.32 -5.15
N ALA B 97 -29.96 27.04 -4.64
CA ALA B 97 -29.84 26.28 -3.40
C ALA B 97 -30.45 27.04 -2.22
N LYS B 98 -30.15 28.33 -2.12
CA LYS B 98 -30.68 29.08 -0.98
C LYS B 98 -32.20 29.21 -1.08
N LEU B 99 -32.72 29.38 -2.30
CA LEU B 99 -34.18 29.42 -2.46
C LEU B 99 -34.80 28.08 -2.09
N ARG B 100 -34.16 26.98 -2.49
CA ARG B 100 -34.66 25.66 -2.13
C ARG B 100 -34.71 25.49 -0.62
N ALA B 101 -33.65 25.92 0.06
CA ALA B 101 -33.65 25.85 1.52
C ALA B 101 -34.75 26.72 2.12
N LYS B 102 -35.00 27.88 1.49
CA LYS B 102 -35.96 28.81 2.08
C LYS B 102 -37.39 28.33 1.94
N HIS B 103 -37.77 27.82 0.76
CA HIS B 103 -39.18 27.58 0.48
C HIS B 103 -39.51 26.19 -0.01
N VAL B 104 -38.54 25.29 -0.12
CA VAL B 104 -38.74 24.06 -0.88
C VAL B 104 -38.43 22.86 0.01
N GLY B 105 -39.26 21.82 -0.08
CA GLY B 105 -38.99 20.58 0.60
C GLY B 105 -39.04 19.41 -0.38
N PHE B 106 -38.40 18.32 0.01
CA PHE B 106 -38.24 17.14 -0.83
C PHE B 106 -38.71 15.87 -0.14
N VAL B 107 -39.31 14.98 -0.92
CA VAL B 107 -39.65 13.62 -0.49
C VAL B 107 -39.37 12.68 -1.66
N PHE B 108 -38.60 11.63 -1.39
CA PHE B 108 -38.08 10.79 -2.46
C PHE B 108 -38.58 9.36 -2.31
N GLN B 109 -38.58 8.64 -3.44
CA GLN B 109 -38.96 7.23 -3.42
C GLN B 109 -38.02 6.43 -2.53
N SER B 110 -36.72 6.59 -2.73
CA SER B 110 -35.70 6.01 -1.87
C SER B 110 -35.36 6.94 -0.71
N PHE B 111 -36.06 8.05 -0.57
CA PHE B 111 -36.15 8.90 0.61
C PHE B 111 -34.82 9.44 1.11
N MET B 112 -33.72 9.09 0.45
CA MET B 112 -32.44 9.79 0.59
C MET B 112 -32.11 10.28 1.99
N LEU B 113 -32.38 9.47 3.01
CA LEU B 113 -32.06 9.88 4.36
C LEU B 113 -30.55 9.85 4.58
N ILE B 114 -30.09 10.61 5.56
CA ILE B 114 -28.67 10.63 5.90
C ILE B 114 -28.36 9.30 6.55
N PRO B 115 -27.45 8.50 5.98
CA PRO B 115 -27.22 7.16 6.53
C PRO B 115 -26.50 7.17 7.87
N THR B 116 -25.89 8.29 8.27
CA THR B 116 -25.03 8.31 9.44
C THR B 116 -25.55 9.21 10.55
N LEU B 117 -26.79 9.68 10.47
CA LEU B 117 -27.34 10.55 11.51
C LEU B 117 -28.66 9.99 12.00
N ASN B 118 -28.97 10.26 13.27
CA ASN B 118 -30.20 9.79 13.85
C ASN B 118 -31.39 10.59 13.31
N ALA B 119 -32.59 10.07 13.59
CA ALA B 119 -33.80 10.67 13.02
C ALA B 119 -33.97 12.11 13.47
N LEU B 120 -33.73 12.39 14.75
CA LEU B 120 -33.81 13.76 15.22
C LEU B 120 -32.81 14.64 14.48
N GLU B 121 -31.60 14.14 14.28
CA GLU B 121 -30.61 14.90 13.52
C GLU B 121 -31.06 15.09 12.07
N ASN B 122 -31.60 14.03 11.46
CA ASN B 122 -32.04 14.14 10.06
C ASN B 122 -33.14 15.18 9.92
N VAL B 123 -34.06 15.26 10.88
CA VAL B 123 -35.14 16.22 10.75
C VAL B 123 -34.73 17.62 11.20
N GLU B 124 -33.70 17.76 12.03
CA GLU B 124 -33.23 19.08 12.38
C GLU B 124 -32.16 19.62 11.44
N LEU B 125 -31.65 18.79 10.53
CA LEU B 125 -30.62 19.23 9.60
C LEU B 125 -30.99 20.47 8.79
N PRO B 126 -32.17 20.56 8.17
CA PRO B 126 -32.45 21.78 7.40
C PRO B 126 -32.33 23.05 8.20
N ALA B 127 -32.78 23.03 9.47
CA ALA B 127 -32.69 24.22 10.30
C ALA B 127 -31.23 24.62 10.51
N LEU B 128 -30.36 23.64 10.73
CA LEU B 128 -28.94 23.95 10.90
C LEU B 128 -28.35 24.51 9.61
N LEU B 129 -28.80 24.01 8.46
CA LEU B 129 -28.36 24.62 7.21
C LEU B 129 -28.84 26.06 7.09
N ARG B 130 -30.06 26.33 7.54
CA ARG B 130 -30.51 27.72 7.57
C ARG B 130 -29.82 28.53 8.66
N GLY B 131 -29.07 27.88 9.55
CA GLY B 131 -28.44 28.56 10.65
C GLY B 131 -29.36 28.88 11.80
N GLU B 132 -30.57 28.32 11.82
CA GLU B 132 -31.52 28.63 12.87
C GLU B 132 -31.05 28.05 14.20
N SER B 133 -31.56 28.65 15.28
CA SER B 133 -31.13 28.26 16.61
C SER B 133 -31.49 26.80 16.89
N SER B 134 -30.58 26.11 17.58
CA SER B 134 -30.78 24.69 17.83
C SER B 134 -31.97 24.42 18.75
N ALA B 135 -32.26 25.35 19.67
CA ALA B 135 -33.25 25.08 20.71
C ALA B 135 -34.65 24.92 20.14
N GLU B 136 -35.19 25.98 19.55
CA GLU B 136 -36.55 25.89 19.00
C GLU B 136 -36.63 24.90 17.86
N SER B 137 -35.53 24.74 17.13
CA SER B 137 -35.51 23.77 16.03
C SER B 137 -35.70 22.36 16.57
N ARG B 138 -34.97 22.00 17.63
CA ARG B 138 -35.13 20.67 18.19
C ARG B 138 -36.47 20.51 18.88
N ASN B 139 -37.00 21.58 19.48
CA ASN B 139 -38.34 21.49 20.05
C ASN B 139 -39.38 21.15 18.97
N GLY B 140 -39.36 21.91 17.87
CA GLY B 140 -40.29 21.63 16.78
C GLY B 140 -40.06 20.26 16.17
N ALA B 141 -38.80 19.86 16.03
CA ALA B 141 -38.48 18.57 15.44
C ALA B 141 -39.03 17.44 16.30
N LYS B 142 -38.78 17.48 17.60
CA LYS B 142 -39.29 16.44 18.47
C LYS B 142 -40.81 16.48 18.54
N ALA B 143 -41.41 17.66 18.45
CA ALA B 143 -42.87 17.73 18.41
C ALA B 143 -43.42 17.03 17.18
N LEU B 144 -42.82 17.30 16.01
CA LEU B 144 -43.29 16.65 14.79
C LEU B 144 -43.06 15.14 14.84
N LEU B 145 -41.91 14.72 15.35
CA LEU B 145 -41.63 13.29 15.44
C LEU B 145 -42.61 12.59 16.37
N GLU B 146 -42.94 13.23 17.50
CA GLU B 146 -43.96 12.68 18.38
C GLU B 146 -45.30 12.63 17.67
N GLN B 147 -45.60 13.65 16.86
CA GLN B 147 -46.80 13.61 16.04
C GLN B 147 -46.75 12.44 15.06
N LEU B 148 -45.55 11.98 14.70
CA LEU B 148 -45.40 10.79 13.87
C LEU B 148 -45.32 9.52 14.68
N GLY B 149 -45.39 9.62 16.00
CA GLY B 149 -45.35 8.44 16.85
C GLY B 149 -44.05 7.68 16.78
N LEU B 150 -42.92 8.39 16.63
CA LEU B 150 -41.61 7.76 16.60
C LEU B 150 -40.84 8.02 17.89
N GLY B 151 -41.55 8.08 19.01
CA GLY B 151 -40.94 8.49 20.26
C GLY B 151 -39.83 7.57 20.74
N LYS B 152 -39.78 6.35 20.24
CA LYS B 152 -38.76 5.39 20.64
C LYS B 152 -37.65 5.26 19.62
N ARG B 153 -37.59 6.16 18.63
CA ARG B 153 -36.59 6.06 17.57
C ARG B 153 -35.82 7.35 17.37
N LEU B 154 -35.81 8.24 18.36
CA LEU B 154 -35.19 9.55 18.19
C LEU B 154 -33.72 9.42 17.84
N ASP B 155 -32.99 8.59 18.59
CA ASP B 155 -31.58 8.40 18.38
C ASP B 155 -31.26 7.28 17.41
N HIS B 156 -32.27 6.57 16.92
CA HIS B 156 -32.02 5.40 16.08
C HIS B 156 -31.39 5.80 14.77
N LEU B 157 -30.39 5.03 14.34
CA LEU B 157 -29.82 5.22 13.03
C LEU B 157 -30.81 4.77 11.95
N PRO B 158 -30.72 5.32 10.74
CA PRO B 158 -31.70 4.97 9.70
C PRO B 158 -31.69 3.50 9.33
N ALA B 159 -30.54 2.83 9.42
CA ALA B 159 -30.46 1.44 8.99
C ALA B 159 -31.38 0.54 9.81
N GLN B 160 -31.47 0.77 11.12
CA GLN B 160 -32.34 -0.01 11.98
C GLN B 160 -33.76 0.52 11.99
N LEU B 161 -34.13 1.37 11.05
CA LEU B 161 -35.49 1.84 10.93
C LEU B 161 -36.21 1.08 9.82
N SER B 162 -37.53 1.01 9.94
CA SER B 162 -38.33 0.36 8.90
C SER B 162 -38.56 1.34 7.74
N GLY B 163 -38.95 0.78 6.60
CA GLY B 163 -39.19 1.61 5.42
C GLY B 163 -40.22 2.69 5.69
N GLY B 164 -41.32 2.32 6.33
CA GLY B 164 -42.29 3.32 6.73
C GLY B 164 -41.72 4.32 7.71
N GLU B 165 -40.92 3.83 8.66
CA GLU B 165 -40.29 4.74 9.62
C GLU B 165 -39.33 5.69 8.91
N GLN B 166 -38.55 5.18 7.96
CA GLN B 166 -37.63 6.04 7.23
C GLN B 166 -38.39 7.09 6.42
N GLN B 167 -39.48 6.68 5.78
CA GLN B 167 -40.30 7.65 5.06
C GLN B 167 -40.86 8.70 6.01
N ARG B 168 -41.27 8.29 7.20
CA ARG B 168 -41.76 9.25 8.19
C ARG B 168 -40.67 10.23 8.58
N VAL B 169 -39.44 9.75 8.76
CA VAL B 169 -38.34 10.63 9.12
C VAL B 169 -38.08 11.63 8.02
N ALA B 170 -38.04 11.16 6.77
CA ALA B 170 -37.82 12.08 5.65
C ALA B 170 -38.94 13.11 5.57
N LEU B 171 -40.19 12.67 5.77
CA LEU B 171 -41.31 13.58 5.70
C LEU B 171 -41.23 14.65 6.80
N ALA B 172 -40.82 14.24 8.00
CA ALA B 172 -40.64 15.21 9.08
C ALA B 172 -39.54 16.19 8.75
N ARG B 173 -38.46 15.71 8.14
CA ARG B 173 -37.42 16.63 7.68
C ARG B 173 -37.97 17.63 6.69
N ALA B 174 -38.84 17.17 5.79
CA ALA B 174 -39.46 18.06 4.82
C ALA B 174 -40.32 19.11 5.51
N PHE B 175 -41.10 18.72 6.50
CA PHE B 175 -42.03 19.64 7.14
C PHE B 175 -41.44 20.39 8.32
N ASN B 176 -40.15 20.22 8.61
CA ASN B 176 -39.54 20.96 9.71
C ASN B 176 -39.63 22.46 9.47
N GLY B 177 -39.17 22.92 8.30
CA GLY B 177 -39.22 24.33 7.99
C GLY B 177 -40.55 24.83 7.46
N ARG B 178 -41.49 23.92 7.24
CA ARG B 178 -42.80 24.22 6.67
C ARG B 178 -42.64 25.00 5.37
N PRO B 179 -42.09 24.36 4.33
CA PRO B 179 -41.84 25.07 3.08
C PRO B 179 -43.13 25.32 2.32
N ASP B 180 -43.05 26.27 1.38
CA ASP B 180 -44.21 26.61 0.57
C ASP B 180 -44.52 25.55 -0.47
N VAL B 181 -43.50 24.84 -0.94
CA VAL B 181 -43.66 23.84 -1.99
C VAL B 181 -42.96 22.56 -1.55
N LEU B 182 -43.51 21.44 -2.01
CA LEU B 182 -43.01 20.12 -1.62
C LEU B 182 -42.95 19.24 -2.86
N PHE B 183 -41.74 18.97 -3.34
CA PHE B 183 -41.53 18.09 -4.47
C PHE B 183 -41.35 16.67 -3.97
N ALA B 184 -42.27 15.78 -4.32
CA ALA B 184 -42.22 14.39 -3.90
C ALA B 184 -42.35 13.49 -5.11
N ASP B 185 -41.56 12.43 -5.13
CA ASP B 185 -41.68 11.43 -6.19
C ASP B 185 -41.79 10.03 -5.63
N GLU B 186 -42.84 9.31 -6.04
CA GLU B 186 -43.14 7.94 -5.64
C GLU B 186 -42.89 7.72 -4.15
N PRO B 187 -43.58 8.44 -3.28
CA PRO B 187 -43.35 8.26 -1.84
C PRO B 187 -43.63 6.84 -1.36
N THR B 188 -44.53 6.13 -2.03
CA THR B 188 -44.89 4.77 -1.68
C THR B 188 -44.15 3.76 -2.53
N GLY B 189 -43.01 4.13 -3.10
CA GLY B 189 -42.35 3.27 -4.07
C GLY B 189 -41.88 1.96 -3.48
N ASN B 190 -41.38 1.99 -2.24
CA ASN B 190 -40.81 0.81 -1.61
C ASN B 190 -41.63 0.30 -0.43
N LEU B 191 -42.89 0.73 -0.32
CA LEU B 191 -43.73 0.33 0.79
C LEU B 191 -44.99 -0.35 0.26
N ASP B 192 -45.63 -1.13 1.13
CA ASP B 192 -46.82 -1.86 0.71
C ASP B 192 -48.02 -0.92 0.69
N ARG B 193 -49.21 -1.50 0.58
CA ARG B 193 -50.42 -0.69 0.41
C ARG B 193 -50.81 -0.02 1.72
N GLN B 194 -50.72 -0.73 2.84
CA GLN B 194 -51.12 -0.14 4.11
C GLN B 194 -50.16 0.96 4.53
N THR B 195 -48.85 0.69 4.47
CA THR B 195 -47.87 1.72 4.83
C THR B 195 -47.92 2.88 3.84
N GLY B 196 -48.10 2.57 2.56
CA GLY B 196 -48.23 3.64 1.58
C GLY B 196 -49.43 4.52 1.84
N ASP B 197 -50.56 3.92 2.18
CA ASP B 197 -51.75 4.70 2.50
C ASP B 197 -51.53 5.55 3.74
N LYS B 198 -50.90 4.98 4.77
CA LYS B 198 -50.65 5.77 5.98
C LYS B 198 -49.74 6.94 5.69
N ILE B 199 -48.65 6.73 4.95
CA ILE B 199 -47.75 7.84 4.69
C ILE B 199 -48.45 8.87 3.79
N ALA B 200 -49.24 8.41 2.83
CA ALA B 200 -49.88 9.34 1.91
C ALA B 200 -50.92 10.21 2.62
N ASP B 201 -51.81 9.59 3.40
CA ASP B 201 -52.83 10.39 4.04
C ASP B 201 -52.27 11.20 5.20
N LEU B 202 -51.19 10.74 5.83
CA LEU B 202 -50.51 11.59 6.81
C LEU B 202 -49.89 12.80 6.13
N LEU B 203 -49.31 12.59 4.94
CA LEU B 203 -48.82 13.71 4.14
C LEU B 203 -49.92 14.71 3.85
N PHE B 204 -51.05 14.21 3.33
CA PHE B 204 -52.15 15.11 2.98
C PHE B 204 -52.65 15.86 4.20
N SER B 205 -52.80 15.15 5.33
CA SER B 205 -53.23 15.77 6.57
C SER B 205 -52.26 16.88 6.96
N LEU B 206 -51.01 16.53 7.21
CA LEU B 206 -50.03 17.52 7.67
C LEU B 206 -49.89 18.67 6.69
N ASN B 207 -50.18 18.43 5.41
CA ASN B 207 -50.10 19.51 4.45
C ASN B 207 -51.27 20.46 4.57
N ARG B 208 -52.48 19.94 4.84
CA ARG B 208 -53.67 20.77 4.70
C ARG B 208 -53.71 21.92 5.69
N GLU B 209 -53.05 21.81 6.85
CA GLU B 209 -52.96 22.95 7.75
C GLU B 209 -51.71 23.78 7.53
N HIS B 210 -50.85 23.39 6.61
CA HIS B 210 -49.64 24.13 6.31
C HIS B 210 -49.74 24.96 5.04
N GLY B 211 -50.76 24.74 4.22
CA GLY B 211 -50.94 25.54 3.01
C GLY B 211 -49.77 25.44 2.06
N THR B 212 -49.21 24.25 1.88
CA THR B 212 -48.04 24.04 1.05
C THR B 212 -48.45 23.34 -0.23
N THR B 213 -48.17 23.97 -1.37
CA THR B 213 -48.35 23.29 -2.65
C THR B 213 -47.40 22.11 -2.74
N LEU B 214 -47.88 21.02 -3.33
CA LEU B 214 -47.06 19.82 -3.43
C LEU B 214 -47.20 19.22 -4.82
N ILE B 215 -46.07 18.73 -5.32
CA ILE B 215 -45.99 18.16 -6.66
C ILE B 215 -45.54 16.72 -6.53
N MET B 216 -46.43 15.79 -6.87
CA MET B 216 -46.13 14.37 -6.82
C MET B 216 -45.84 13.85 -8.22
N VAL B 217 -44.74 13.10 -8.34
CA VAL B 217 -44.40 12.40 -9.56
C VAL B 217 -44.57 10.92 -9.27
N THR B 218 -45.68 10.35 -9.74
CA THR B 218 -45.97 8.95 -9.47
C THR B 218 -46.90 8.40 -10.53
N HIS B 219 -46.99 7.07 -10.59
CA HIS B 219 -47.87 6.39 -11.52
C HIS B 219 -49.12 5.84 -10.85
N ASP B 220 -49.30 6.05 -9.55
CA ASP B 220 -50.47 5.53 -8.86
C ASP B 220 -51.69 6.36 -9.22
N LEU B 221 -52.75 5.68 -9.67
CA LEU B 221 -53.95 6.38 -10.12
C LEU B 221 -54.71 6.99 -8.94
N GLN B 222 -54.92 6.21 -7.89
CA GLN B 222 -55.68 6.70 -6.75
C GLN B 222 -54.94 7.82 -6.04
N LEU B 223 -53.61 7.72 -5.95
CA LEU B 223 -52.83 8.78 -5.33
C LEU B 223 -52.98 10.10 -6.08
N ALA B 224 -52.95 10.04 -7.40
CA ALA B 224 -53.19 11.24 -8.20
C ALA B 224 -54.61 11.74 -8.00
N ALA B 225 -55.59 10.83 -7.95
CA ALA B 225 -56.96 11.22 -7.73
C ALA B 225 -57.13 11.91 -6.38
N ARG B 226 -56.26 11.59 -5.41
CA ARG B 226 -56.32 12.26 -4.12
C ARG B 226 -56.03 13.75 -4.26
N CYS B 227 -55.05 14.11 -5.08
CA CYS B 227 -54.79 15.53 -5.34
C CYS B 227 -55.95 16.14 -6.11
N ASP B 228 -56.18 17.43 -5.88
CA ASP B 228 -57.31 18.09 -6.52
C ASP B 228 -57.13 18.15 -8.03
N ARG B 229 -55.90 18.28 -8.51
CA ARG B 229 -55.63 18.32 -9.94
C ARG B 229 -54.57 17.28 -10.29
N CYS B 230 -54.76 16.61 -11.42
CA CYS B 230 -53.83 15.60 -11.91
C CYS B 230 -53.49 15.92 -13.36
N LEU B 231 -52.21 15.98 -13.66
CA LEU B 231 -51.72 16.27 -15.01
C LEU B 231 -50.89 15.10 -15.50
N ARG B 232 -51.19 14.62 -16.70
CA ARG B 232 -50.46 13.55 -17.33
C ARG B 232 -49.42 14.14 -18.29
N LEU B 233 -48.23 13.55 -18.28
CA LEU B 233 -47.16 13.95 -19.19
C LEU B 233 -47.22 13.05 -20.41
N VAL B 234 -47.60 13.62 -21.55
CA VAL B 234 -47.70 12.90 -22.80
C VAL B 234 -46.83 13.61 -23.82
N ASN B 235 -45.84 12.89 -24.36
CA ASN B 235 -44.85 13.29 -25.37
C ASN B 235 -44.45 14.76 -25.24
N GLY B 236 -43.92 15.15 -24.08
CA GLY B 236 -43.37 16.47 -23.90
C GLY B 236 -44.36 17.55 -23.53
N GLN B 237 -45.63 17.20 -23.36
CA GLN B 237 -46.68 18.15 -23.05
C GLN B 237 -47.42 17.68 -21.81
N LEU B 238 -48.13 18.62 -21.19
CA LEU B 238 -48.95 18.33 -20.02
C LEU B 238 -50.43 18.38 -20.41
N GLN B 239 -51.20 17.43 -19.91
CA GLN B 239 -52.62 17.32 -20.24
C GLN B 239 -53.42 17.12 -18.95
N GLU B 240 -54.47 17.91 -18.79
CA GLU B 240 -55.33 17.76 -17.62
C GLU B 240 -56.15 16.48 -17.72
N GLU B 241 -56.28 15.79 -16.60
CA GLU B 241 -57.05 14.55 -16.55
C GLU B 241 -58.14 14.63 -15.48
N GLU C 18 -47.12 -34.31 -11.72
CA GLU C 18 -46.52 -34.27 -10.39
C GLU C 18 -46.59 -32.87 -9.81
N ASN C 19 -46.83 -32.79 -8.50
CA ASN C 19 -46.94 -31.50 -7.83
C ASN C 19 -45.56 -30.87 -7.69
N ILE C 20 -45.19 -30.02 -8.65
CA ILE C 20 -43.88 -29.39 -8.60
C ILE C 20 -43.78 -28.45 -7.41
N VAL C 21 -44.81 -27.65 -7.17
CA VAL C 21 -44.80 -26.69 -6.07
C VAL C 21 -46.01 -26.93 -5.20
N GLU C 22 -45.78 -27.10 -3.89
CA GLU C 22 -46.86 -27.25 -2.92
C GLU C 22 -46.68 -26.20 -1.84
N VAL C 23 -47.77 -25.49 -1.52
CA VAL C 23 -47.73 -24.43 -0.52
C VAL C 23 -49.01 -24.52 0.29
N HIS C 24 -48.88 -24.68 1.60
CA HIS C 24 -50.03 -24.79 2.48
C HIS C 24 -49.88 -23.78 3.61
N HIS C 25 -50.92 -22.97 3.80
CA HIS C 25 -51.00 -21.94 4.84
C HIS C 25 -49.69 -21.19 5.01
N LEU C 26 -49.03 -20.88 3.90
CA LEU C 26 -47.79 -20.11 3.97
C LEU C 26 -48.04 -18.75 4.58
N LYS C 27 -47.21 -18.38 5.55
CA LYS C 27 -47.28 -17.10 6.22
C LYS C 27 -45.87 -16.55 6.37
N LYS C 28 -45.74 -15.24 6.20
CA LYS C 28 -44.47 -14.55 6.37
C LYS C 28 -44.71 -13.23 7.08
N SER C 29 -43.87 -12.93 8.06
CA SER C 29 -43.99 -11.72 8.86
C SER C 29 -42.67 -11.01 8.95
N VAL C 30 -42.74 -9.68 9.08
CA VAL C 30 -41.56 -8.83 9.20
C VAL C 30 -41.84 -7.79 10.28
N GLY C 31 -40.77 -7.21 10.82
CA GLY C 31 -40.89 -6.17 11.81
C GLY C 31 -40.95 -6.70 13.22
N GLN C 32 -41.01 -5.77 14.16
CA GLN C 32 -41.04 -6.10 15.57
C GLN C 32 -41.99 -5.14 16.29
N GLY C 33 -42.51 -5.61 17.43
CA GLY C 33 -43.40 -4.78 18.22
C GLY C 33 -44.68 -4.47 17.47
N GLU C 34 -45.22 -3.28 17.73
CA GLU C 34 -46.43 -2.84 17.04
C GLU C 34 -46.20 -2.64 15.55
N HIS C 35 -44.95 -2.41 15.13
CA HIS C 35 -44.61 -2.25 13.73
C HIS C 35 -44.38 -3.56 13.01
N GLU C 36 -44.48 -4.69 13.72
CA GLU C 36 -44.35 -5.99 13.07
C GLU C 36 -45.48 -6.18 12.06
N LEU C 37 -45.13 -6.64 10.86
CA LEU C 37 -46.08 -6.78 9.77
C LEU C 37 -45.95 -8.16 9.15
N SER C 38 -47.09 -8.79 8.91
CA SER C 38 -47.13 -10.09 8.24
C SER C 38 -47.11 -9.86 6.73
N ILE C 39 -45.98 -10.17 6.09
CA ILE C 39 -45.88 -10.02 4.65
C ILE C 39 -46.86 -10.94 3.95
N LEU C 40 -46.93 -12.19 4.39
CA LEU C 40 -47.85 -13.18 3.83
C LEU C 40 -48.91 -13.52 4.86
N THR C 41 -50.17 -13.46 4.44
CA THR C 41 -51.31 -13.64 5.33
C THR C 41 -52.08 -14.91 4.99
N GLY C 42 -51.36 -15.98 4.68
CA GLY C 42 -51.99 -17.25 4.39
C GLY C 42 -52.11 -17.50 2.90
N VAL C 43 -51.23 -18.34 2.36
CA VAL C 43 -51.23 -18.64 0.93
C VAL C 43 -51.25 -20.15 0.74
N GLU C 44 -52.09 -20.61 -0.18
CA GLU C 44 -52.13 -21.99 -0.63
C GLU C 44 -51.91 -22.03 -2.13
N LEU C 45 -51.12 -23.00 -2.60
CA LEU C 45 -50.78 -23.06 -4.01
C LEU C 45 -50.37 -24.48 -4.40
N VAL C 46 -50.88 -24.94 -5.53
CA VAL C 46 -50.47 -26.21 -6.12
C VAL C 46 -50.07 -25.93 -7.56
N VAL C 47 -48.86 -26.33 -7.93
CA VAL C 47 -48.34 -26.13 -9.29
C VAL C 47 -47.82 -27.46 -9.80
N LYS C 48 -48.40 -27.93 -10.89
CA LYS C 48 -48.03 -29.21 -11.49
C LYS C 48 -46.81 -29.01 -12.39
N ARG C 49 -46.51 -30.02 -13.21
CA ARG C 49 -45.35 -29.98 -14.09
C ARG C 49 -45.73 -29.34 -15.42
N GLY C 50 -44.88 -28.43 -15.89
CA GLY C 50 -45.06 -27.81 -17.18
C GLY C 50 -46.05 -26.66 -17.22
N GLU C 51 -46.66 -26.31 -16.10
CA GLU C 51 -47.61 -25.21 -16.09
C GLU C 51 -46.89 -23.88 -16.21
N THR C 52 -47.56 -22.91 -16.83
CA THR C 52 -47.07 -21.54 -16.91
C THR C 52 -47.97 -20.70 -16.01
N ILE C 53 -47.43 -20.33 -14.84
CA ILE C 53 -48.18 -19.65 -13.81
C ILE C 53 -47.60 -18.26 -13.63
N ALA C 54 -48.46 -17.24 -13.68
CA ALA C 54 -48.06 -15.87 -13.48
C ALA C 54 -48.58 -15.38 -12.14
N LEU C 55 -47.73 -14.67 -11.42
CA LEU C 55 -48.09 -14.07 -10.14
C LEU C 55 -48.16 -12.56 -10.37
N VAL C 56 -49.39 -12.04 -10.44
CA VAL C 56 -49.60 -10.62 -10.65
C VAL C 56 -49.83 -9.96 -9.30
N GLY C 57 -49.50 -8.68 -9.25
CA GLY C 57 -49.67 -7.91 -8.04
C GLY C 57 -49.15 -6.51 -8.25
N GLU C 58 -49.70 -5.60 -7.46
CA GLU C 58 -49.31 -4.20 -7.54
C GLU C 58 -47.85 -4.03 -7.08
N SER C 59 -47.27 -2.91 -7.47
CA SER C 59 -45.87 -2.65 -7.18
C SER C 59 -45.62 -2.64 -5.68
N GLY C 60 -44.57 -3.33 -5.25
CA GLY C 60 -44.22 -3.37 -3.85
C GLY C 60 -45.13 -4.20 -2.99
N SER C 61 -45.89 -5.13 -3.57
CA SER C 61 -46.79 -5.99 -2.82
C SER C 61 -46.07 -7.19 -2.20
N GLY C 62 -44.75 -7.14 -2.07
CA GLY C 62 -44.02 -8.25 -1.50
C GLY C 62 -43.86 -9.43 -2.42
N LYS C 63 -43.95 -9.24 -3.73
CA LYS C 63 -43.80 -10.35 -4.66
C LYS C 63 -42.43 -11.00 -4.52
N SER C 64 -41.40 -10.17 -4.36
CA SER C 64 -40.06 -10.71 -4.16
C SER C 64 -39.97 -11.57 -2.91
N THR C 65 -40.75 -11.23 -1.88
CA THR C 65 -40.66 -11.97 -0.62
C THR C 65 -41.06 -13.42 -0.81
N LEU C 66 -42.28 -13.67 -1.28
CA LEU C 66 -42.68 -15.06 -1.47
C LEU C 66 -41.98 -15.70 -2.66
N LEU C 67 -41.52 -14.92 -3.63
CA LEU C 67 -40.69 -15.50 -4.68
C LEU C 67 -39.43 -16.12 -4.09
N ALA C 68 -38.77 -15.40 -3.17
CA ALA C 68 -37.58 -15.95 -2.53
C ALA C 68 -37.94 -17.07 -1.58
N ILE C 69 -39.11 -17.00 -0.93
CA ILE C 69 -39.47 -18.05 0.02
C ILE C 69 -39.74 -19.36 -0.71
N LEU C 70 -40.33 -19.29 -1.90
CA LEU C 70 -40.40 -20.48 -2.73
C LEU C 70 -39.04 -20.91 -3.25
N ALA C 71 -38.08 -19.99 -3.30
CA ALA C 71 -36.75 -20.32 -3.72
C ALA C 71 -35.94 -21.03 -2.65
N GLY C 72 -36.46 -21.11 -1.42
CA GLY C 72 -35.67 -21.65 -0.35
C GLY C 72 -34.56 -20.74 0.11
N LEU C 73 -34.64 -19.45 -0.23
CA LEU C 73 -33.58 -18.52 0.16
C LEU C 73 -33.67 -18.19 1.65
N ASP C 74 -34.87 -18.24 2.22
CA ASP C 74 -35.07 -17.96 3.64
C ASP C 74 -36.19 -18.86 4.15
N ASP C 75 -36.61 -18.64 5.38
CA ASP C 75 -37.68 -19.41 6.00
C ASP C 75 -38.84 -18.48 6.32
N GLY C 76 -40.04 -18.90 5.97
CA GLY C 76 -41.22 -18.10 6.25
C GLY C 76 -41.68 -18.24 7.67
N SER C 77 -42.65 -17.39 8.03
CA SER C 77 -43.19 -17.45 9.38
C SER C 77 -43.82 -18.80 9.65
N SER C 78 -44.59 -19.31 8.70
CA SER C 78 -45.20 -20.64 8.82
C SER C 78 -45.70 -21.03 7.45
N GLY C 79 -46.10 -22.29 7.34
CA GLY C 79 -46.64 -22.77 6.06
C GLY C 79 -45.73 -23.85 5.49
N GLU C 80 -46.36 -24.97 5.14
CA GLU C 80 -45.63 -26.10 4.56
C GLU C 80 -45.38 -25.80 3.10
N VAL C 81 -44.11 -25.59 2.74
CA VAL C 81 -43.72 -25.31 1.37
C VAL C 81 -42.79 -26.42 0.89
N SER C 82 -43.17 -27.05 -0.21
CA SER C 82 -42.44 -28.18 -0.78
C SER C 82 -42.14 -27.89 -2.24
N LEU C 83 -40.88 -28.05 -2.62
CA LEU C 83 -40.43 -27.85 -3.99
C LEU C 83 -39.96 -29.18 -4.55
N VAL C 84 -40.51 -29.55 -5.70
CA VAL C 84 -40.21 -30.79 -6.42
C VAL C 84 -40.14 -31.98 -5.46
N GLY C 85 -40.91 -31.93 -4.38
CA GLY C 85 -40.99 -33.03 -3.45
C GLY C 85 -40.08 -32.94 -2.25
N GLN C 86 -39.46 -31.80 -2.01
CA GLN C 86 -38.58 -31.60 -0.85
C GLN C 86 -39.09 -30.41 -0.05
N PRO C 87 -39.69 -30.62 1.11
CA PRO C 87 -40.17 -29.48 1.90
C PRO C 87 -39.00 -28.68 2.46
N LEU C 88 -38.74 -27.52 1.88
CA LEU C 88 -37.52 -26.78 2.17
C LEU C 88 -37.43 -26.36 3.63
N HIS C 89 -38.54 -26.34 4.34
CA HIS C 89 -38.55 -25.96 5.74
C HIS C 89 -38.08 -27.06 6.68
N ASN C 90 -37.59 -28.18 6.15
CA ASN C 90 -37.24 -29.32 6.97
C ASN C 90 -35.80 -29.78 6.75
N MET C 91 -34.92 -28.89 6.31
CA MET C 91 -33.50 -29.20 6.23
C MET C 91 -32.72 -27.89 6.24
N ASP C 92 -31.40 -28.02 6.24
CA ASP C 92 -30.52 -26.86 6.39
C ASP C 92 -30.51 -26.02 5.11
N GLU C 93 -29.75 -24.93 5.16
CA GLU C 93 -29.64 -24.07 4.01
C GLU C 93 -28.82 -24.70 2.89
N GLU C 94 -27.83 -25.52 3.24
CA GLU C 94 -26.96 -26.11 2.22
C GLU C 94 -27.72 -27.06 1.32
N ALA C 95 -28.61 -27.88 1.90
CA ALA C 95 -29.44 -28.75 1.08
C ALA C 95 -30.34 -27.94 0.18
N ARG C 96 -30.87 -26.82 0.69
CA ARG C 96 -31.68 -25.95 -0.15
C ARG C 96 -30.86 -25.40 -1.32
N ALA C 97 -29.61 -25.00 -1.05
CA ALA C 97 -28.77 -24.47 -2.11
C ALA C 97 -28.47 -25.53 -3.16
N LYS C 98 -28.17 -26.75 -2.72
CA LYS C 98 -27.88 -27.80 -3.71
C LYS C 98 -29.13 -28.18 -4.49
N LEU C 99 -30.31 -28.16 -3.86
CA LEU C 99 -31.54 -28.39 -4.60
C LEU C 99 -31.76 -27.28 -5.62
N ARG C 100 -31.48 -26.04 -5.24
CA ARG C 100 -31.58 -24.93 -6.17
C ARG C 100 -30.69 -25.16 -7.39
N ALA C 101 -29.43 -25.50 -7.14
CA ALA C 101 -28.51 -25.76 -8.25
C ALA C 101 -28.97 -26.94 -9.08
N LYS C 102 -29.59 -27.93 -8.46
CA LYS C 102 -29.97 -29.14 -9.16
C LYS C 102 -31.21 -28.95 -10.03
N HIS C 103 -32.13 -28.11 -9.62
CA HIS C 103 -33.39 -28.19 -10.35
C HIS C 103 -33.90 -26.86 -10.87
N VAL C 104 -33.76 -25.78 -10.11
CA VAL C 104 -34.47 -24.54 -10.41
C VAL C 104 -33.58 -23.61 -11.21
N GLY C 105 -34.23 -22.78 -12.03
CA GLY C 105 -33.54 -21.72 -12.75
C GLY C 105 -34.17 -20.38 -12.40
N PHE C 106 -33.39 -19.32 -12.57
CA PHE C 106 -33.80 -18.00 -12.11
C PHE C 106 -33.64 -16.96 -13.20
N VAL C 107 -34.55 -15.99 -13.23
CA VAL C 107 -34.49 -14.85 -14.13
C VAL C 107 -34.97 -13.62 -13.37
N PHE C 108 -34.07 -12.67 -13.14
CA PHE C 108 -34.43 -11.43 -12.47
C PHE C 108 -34.37 -10.28 -13.45
N GLN C 109 -34.69 -9.08 -12.95
CA GLN C 109 -34.81 -7.90 -13.79
C GLN C 109 -33.47 -7.32 -14.23
N SER C 110 -32.44 -7.38 -13.38
CA SER C 110 -31.15 -6.82 -13.71
C SER C 110 -30.24 -7.80 -14.43
N PHE C 111 -30.57 -9.09 -14.40
CA PHE C 111 -29.87 -10.17 -15.09
C PHE C 111 -28.54 -10.48 -14.41
N MET C 112 -28.13 -9.63 -13.47
CA MET C 112 -26.94 -9.80 -12.65
C MET C 112 -25.78 -10.45 -13.40
N LEU C 113 -25.59 -10.08 -14.66
CA LEU C 113 -24.57 -10.72 -15.46
C LEU C 113 -23.20 -10.38 -14.89
N ILE C 114 -22.42 -11.43 -14.60
CA ILE C 114 -21.15 -11.27 -13.88
C ILE C 114 -20.20 -10.46 -14.74
N PRO C 115 -19.89 -9.21 -14.36
CA PRO C 115 -18.98 -8.41 -15.19
C PRO C 115 -17.60 -9.01 -15.32
N THR C 116 -17.12 -9.73 -14.32
CA THR C 116 -15.82 -10.38 -14.38
C THR C 116 -15.88 -11.74 -15.07
N LEU C 117 -16.99 -12.04 -15.75
CA LEU C 117 -17.11 -13.23 -16.59
C LEU C 117 -17.71 -12.82 -17.93
N ASN C 118 -17.28 -13.50 -18.99
CA ASN C 118 -17.86 -13.22 -20.30
C ASN C 118 -19.15 -14.03 -20.47
N ALA C 119 -19.83 -13.80 -21.60
CA ALA C 119 -21.14 -14.40 -21.80
C ALA C 119 -21.06 -15.92 -21.80
N LEU C 120 -20.08 -16.48 -22.50
CA LEU C 120 -19.96 -17.92 -22.58
C LEU C 120 -19.75 -18.53 -21.19
N GLU C 121 -18.80 -17.98 -20.44
CA GLU C 121 -18.57 -18.49 -19.09
C GLU C 121 -19.72 -18.13 -18.16
N ASN C 122 -20.42 -17.04 -18.43
CA ASN C 122 -21.61 -16.73 -17.65
C ASN C 122 -22.65 -17.82 -17.79
N VAL C 123 -22.86 -18.31 -19.02
CA VAL C 123 -23.77 -19.43 -19.21
C VAL C 123 -23.19 -20.70 -18.61
N GLU C 124 -21.87 -20.88 -18.72
CA GLU C 124 -21.27 -22.14 -18.29
C GLU C 124 -21.31 -22.32 -16.78
N LEU C 125 -21.15 -21.24 -16.02
CA LEU C 125 -20.89 -21.38 -14.59
C LEU C 125 -21.97 -22.12 -13.81
N PRO C 126 -23.28 -21.91 -14.04
CA PRO C 126 -24.25 -22.73 -13.29
C PRO C 126 -24.14 -24.20 -13.60
N ALA C 127 -23.83 -24.55 -14.85
CA ALA C 127 -23.63 -25.95 -15.18
C ALA C 127 -22.44 -26.52 -14.43
N LEU C 128 -21.38 -25.74 -14.28
CA LEU C 128 -20.26 -26.16 -13.44
C LEU C 128 -20.71 -26.36 -12.01
N LEU C 129 -21.49 -25.41 -11.48
CA LEU C 129 -21.97 -25.51 -10.11
C LEU C 129 -22.82 -26.76 -9.91
N ARG C 130 -23.50 -27.21 -10.97
CA ARG C 130 -24.19 -28.49 -10.90
C ARG C 130 -23.23 -29.64 -10.66
N GLY C 131 -21.95 -29.44 -10.98
CA GLY C 131 -20.96 -30.50 -10.88
C GLY C 131 -20.66 -31.20 -12.18
N GLU C 132 -21.21 -30.73 -13.29
CA GLU C 132 -21.00 -31.38 -14.58
C GLU C 132 -19.62 -31.05 -15.13
N SER C 133 -19.26 -31.73 -16.21
CA SER C 133 -17.96 -31.54 -16.81
C SER C 133 -17.88 -30.18 -17.50
N SER C 134 -16.65 -29.64 -17.56
CA SER C 134 -16.43 -28.37 -18.23
C SER C 134 -16.74 -28.45 -19.71
N ALA C 135 -16.36 -29.56 -20.36
CA ALA C 135 -16.55 -29.69 -21.80
C ALA C 135 -18.02 -29.72 -22.17
N GLU C 136 -18.82 -30.52 -21.47
CA GLU C 136 -20.24 -30.60 -21.77
C GLU C 136 -20.94 -29.27 -21.47
N SER C 137 -20.53 -28.61 -20.38
CA SER C 137 -21.09 -27.30 -20.08
C SER C 137 -20.78 -26.30 -21.19
N ARG C 138 -19.54 -26.33 -21.69
CA ARG C 138 -19.17 -25.45 -22.79
C ARG C 138 -19.99 -25.76 -24.04
N ASN C 139 -20.18 -27.04 -24.33
CA ASN C 139 -20.96 -27.43 -25.51
C ASN C 139 -22.38 -26.91 -25.40
N GLY C 140 -23.02 -27.15 -24.26
CA GLY C 140 -24.37 -26.65 -24.08
C GLY C 140 -24.45 -25.14 -24.15
N ALA C 141 -23.48 -24.45 -23.56
CA ALA C 141 -23.50 -23.00 -23.56
C ALA C 141 -23.37 -22.44 -24.97
N LYS C 142 -22.41 -22.96 -25.73
CA LYS C 142 -22.23 -22.45 -27.09
C LYS C 142 -23.42 -22.79 -27.96
N ALA C 143 -24.00 -23.99 -27.78
CA ALA C 143 -25.18 -24.34 -28.55
C ALA C 143 -26.34 -23.40 -28.25
N LEU C 144 -26.58 -23.11 -26.97
CA LEU C 144 -27.68 -22.24 -26.61
C LEU C 144 -27.43 -20.82 -27.10
N LEU C 145 -26.19 -20.35 -27.02
CA LEU C 145 -25.88 -19.03 -27.56
C LEU C 145 -26.12 -19.00 -29.07
N GLU C 146 -25.75 -20.08 -29.76
CA GLU C 146 -25.96 -20.15 -31.20
C GLU C 146 -27.45 -20.10 -31.54
N GLN C 147 -28.28 -20.86 -30.81
CA GLN C 147 -29.71 -20.78 -31.07
C GLN C 147 -30.32 -19.50 -30.54
N LEU C 148 -29.60 -18.73 -29.73
CA LEU C 148 -30.03 -17.41 -29.32
C LEU C 148 -29.49 -16.31 -30.20
N GLY C 149 -28.71 -16.65 -31.23
CA GLY C 149 -28.16 -15.65 -32.12
C GLY C 149 -27.06 -14.82 -31.52
N LEU C 150 -26.38 -15.32 -30.49
CA LEU C 150 -25.34 -14.57 -29.80
C LEU C 150 -23.95 -15.16 -30.02
N GLY C 151 -23.78 -16.01 -31.02
CA GLY C 151 -22.50 -16.63 -31.24
C GLY C 151 -21.39 -15.65 -31.58
N LYS C 152 -21.74 -14.48 -32.10
CA LYS C 152 -20.76 -13.48 -32.48
C LYS C 152 -20.37 -12.57 -31.33
N ARG C 153 -20.95 -12.76 -30.14
CA ARG C 153 -20.63 -11.92 -29.00
C ARG C 153 -20.42 -12.75 -27.74
N LEU C 154 -19.98 -14.00 -27.91
CA LEU C 154 -19.86 -14.89 -26.76
C LEU C 154 -18.83 -14.38 -25.77
N ASP C 155 -17.74 -13.79 -26.27
CA ASP C 155 -16.69 -13.28 -25.39
C ASP C 155 -17.00 -11.91 -24.83
N HIS C 156 -18.02 -11.23 -25.35
CA HIS C 156 -18.31 -9.87 -24.92
C HIS C 156 -18.63 -9.82 -23.44
N LEU C 157 -17.95 -8.95 -22.72
CA LEU C 157 -18.26 -8.75 -21.31
C LEU C 157 -19.63 -8.08 -21.18
N PRO C 158 -20.35 -8.38 -20.09
CA PRO C 158 -21.76 -7.94 -20.01
C PRO C 158 -21.94 -6.44 -20.10
N ALA C 159 -20.89 -5.66 -19.85
CA ALA C 159 -21.03 -4.21 -19.89
C ALA C 159 -21.48 -3.72 -21.25
N GLN C 160 -20.89 -4.24 -22.32
CA GLN C 160 -21.23 -3.78 -23.66
C GLN C 160 -22.37 -4.57 -24.29
N LEU C 161 -22.95 -5.52 -23.57
CA LEU C 161 -24.16 -6.15 -24.09
C LEU C 161 -25.33 -5.20 -23.96
N SER C 162 -26.33 -5.39 -24.82
CA SER C 162 -27.53 -4.59 -24.79
C SER C 162 -28.55 -5.24 -23.86
N GLY C 163 -29.65 -4.53 -23.63
CA GLY C 163 -30.67 -5.04 -22.72
C GLY C 163 -31.25 -6.36 -23.20
N GLY C 164 -31.63 -6.42 -24.47
CA GLY C 164 -32.11 -7.68 -25.02
C GLY C 164 -31.05 -8.75 -25.02
N GLU C 165 -29.81 -8.38 -25.36
CA GLU C 165 -28.71 -9.32 -25.30
C GLU C 165 -28.47 -9.81 -23.88
N GLN C 166 -28.51 -8.90 -22.91
CA GLN C 166 -28.33 -9.30 -21.52
C GLN C 166 -29.43 -10.23 -21.07
N GLN C 167 -30.67 -9.95 -21.47
CA GLN C 167 -31.78 -10.84 -21.18
C GLN C 167 -31.53 -12.22 -21.78
N ARG C 168 -31.05 -12.26 -23.02
CA ARG C 168 -30.77 -13.54 -23.65
C ARG C 168 -29.68 -14.30 -22.90
N VAL C 169 -28.65 -13.59 -22.45
CA VAL C 169 -27.59 -14.24 -21.69
C VAL C 169 -28.13 -14.83 -20.40
N ALA C 170 -28.96 -14.06 -19.69
CA ALA C 170 -29.54 -14.56 -18.46
C ALA C 170 -30.42 -15.78 -18.71
N LEU C 171 -31.23 -15.72 -19.77
CA LEU C 171 -32.09 -16.85 -20.09
C LEU C 171 -31.26 -18.09 -20.41
N ALA C 172 -30.17 -17.92 -21.16
CA ALA C 172 -29.30 -19.04 -21.46
C ALA C 172 -28.68 -19.60 -20.19
N ARG C 173 -28.27 -18.72 -19.28
CA ARG C 173 -27.73 -19.18 -18.00
C ARG C 173 -28.76 -20.01 -17.25
N ALA C 174 -30.02 -19.58 -17.28
CA ALA C 174 -31.08 -20.35 -16.65
C ALA C 174 -31.25 -21.71 -17.32
N PHE C 175 -31.27 -21.73 -18.64
CA PHE C 175 -31.73 -22.91 -19.37
C PHE C 175 -30.62 -23.91 -19.69
N ASN C 176 -29.35 -23.58 -19.46
CA ASN C 176 -28.30 -24.53 -19.80
C ASN C 176 -28.40 -25.81 -18.99
N GLY C 177 -28.69 -25.68 -17.69
CA GLY C 177 -28.74 -26.82 -16.82
C GLY C 177 -29.99 -27.67 -16.94
N ARG C 178 -30.86 -27.34 -17.89
CA ARG C 178 -32.13 -28.03 -18.09
C ARG C 178 -32.93 -27.99 -16.80
N PRO C 179 -33.39 -26.80 -16.39
CA PRO C 179 -34.12 -26.71 -15.12
C PRO C 179 -35.55 -27.17 -15.26
N ASP C 180 -36.03 -27.87 -14.23
CA ASP C 180 -37.41 -28.35 -14.25
C ASP C 180 -38.40 -27.22 -14.03
N VAL C 181 -38.00 -26.19 -13.27
CA VAL C 181 -38.87 -25.06 -12.99
C VAL C 181 -38.04 -23.79 -13.06
N LEU C 182 -38.65 -22.71 -13.54
CA LEU C 182 -37.99 -21.42 -13.71
C LEU C 182 -38.79 -20.35 -13.00
N PHE C 183 -38.15 -19.63 -12.08
CA PHE C 183 -38.74 -18.49 -11.40
C PHE C 183 -38.22 -17.22 -12.06
N ALA C 184 -39.13 -16.40 -12.58
CA ALA C 184 -38.76 -15.14 -13.22
C ALA C 184 -39.60 -14.02 -12.63
N ASP C 185 -38.99 -12.85 -12.47
CA ASP C 185 -39.72 -11.71 -11.91
C ASP C 185 -39.45 -10.42 -12.69
N GLU C 186 -40.46 -9.97 -13.43
CA GLU C 186 -40.40 -8.75 -14.21
C GLU C 186 -39.08 -8.58 -14.94
N PRO C 187 -38.70 -9.55 -15.78
CA PRO C 187 -37.40 -9.47 -16.46
C PRO C 187 -37.28 -8.28 -17.39
N THR C 188 -38.39 -7.86 -18.00
CA THR C 188 -38.40 -6.73 -18.91
C THR C 188 -38.62 -5.40 -18.21
N GLY C 189 -38.44 -5.37 -16.88
CA GLY C 189 -38.62 -4.13 -16.15
C GLY C 189 -37.69 -3.03 -16.61
N ASN C 190 -36.52 -3.40 -17.12
CA ASN C 190 -35.56 -2.45 -17.67
C ASN C 190 -35.58 -2.42 -19.20
N LEU C 191 -36.56 -3.05 -19.84
CA LEU C 191 -36.60 -3.16 -21.28
C LEU C 191 -37.91 -2.58 -21.81
N ASP C 192 -37.91 -2.21 -23.09
CA ASP C 192 -39.07 -1.58 -23.71
C ASP C 192 -40.08 -2.65 -24.13
N ARG C 193 -41.15 -2.21 -24.79
CA ARG C 193 -42.23 -3.12 -25.15
C ARG C 193 -41.78 -4.12 -26.20
N GLN C 194 -41.02 -3.68 -27.20
CA GLN C 194 -40.56 -4.58 -28.25
C GLN C 194 -39.66 -5.67 -27.67
N THR C 195 -38.63 -5.27 -26.92
CA THR C 195 -37.79 -6.26 -26.29
C THR C 195 -38.61 -7.10 -25.32
N GLY C 196 -39.52 -6.47 -24.58
CA GLY C 196 -40.31 -7.19 -23.61
C GLY C 196 -41.09 -8.33 -24.22
N ASP C 197 -41.88 -8.05 -25.25
CA ASP C 197 -42.70 -9.12 -25.79
C ASP C 197 -41.89 -10.10 -26.62
N LYS C 198 -40.80 -9.65 -27.28
CA LYS C 198 -40.01 -10.63 -28.02
C LYS C 198 -39.33 -11.61 -27.08
N ILE C 199 -38.77 -11.13 -25.96
CA ILE C 199 -38.17 -12.05 -25.00
C ILE C 199 -39.25 -12.89 -24.32
N ALA C 200 -40.45 -12.32 -24.14
CA ALA C 200 -41.54 -13.09 -23.56
C ALA C 200 -41.87 -14.30 -24.43
N ASP C 201 -42.09 -14.07 -25.73
CA ASP C 201 -42.41 -15.19 -26.60
C ASP C 201 -41.22 -16.15 -26.72
N LEU C 202 -40.01 -15.60 -26.70
CA LEU C 202 -38.82 -16.44 -26.77
C LEU C 202 -38.76 -17.41 -25.59
N LEU C 203 -38.96 -16.90 -24.37
CA LEU C 203 -38.91 -17.77 -23.21
C LEU C 203 -40.09 -18.73 -23.19
N PHE C 204 -41.27 -18.26 -23.60
CA PHE C 204 -42.43 -19.14 -23.64
C PHE C 204 -42.18 -20.33 -24.56
N SER C 205 -41.67 -20.06 -25.75
CA SER C 205 -41.26 -21.15 -26.63
C SER C 205 -40.22 -22.03 -25.95
N LEU C 206 -39.06 -21.46 -25.62
CA LEU C 206 -37.94 -22.27 -25.14
C LEU C 206 -38.37 -23.18 -24.01
N ASN C 207 -39.25 -22.72 -23.13
CA ASN C 207 -39.72 -23.60 -22.07
C ASN C 207 -40.74 -24.61 -22.57
N ARG C 208 -41.60 -24.24 -23.54
CA ARG C 208 -42.59 -25.20 -23.99
C ARG C 208 -41.96 -26.36 -24.75
N GLU C 209 -40.91 -26.09 -25.53
CA GLU C 209 -40.11 -27.21 -26.04
C GLU C 209 -39.25 -27.84 -24.95
N HIS C 210 -38.87 -27.09 -23.92
CA HIS C 210 -38.16 -27.69 -22.79
C HIS C 210 -39.08 -28.42 -21.83
N GLY C 211 -40.39 -28.16 -21.88
CA GLY C 211 -41.29 -28.76 -20.92
C GLY C 211 -41.01 -28.33 -19.49
N THR C 212 -40.75 -27.05 -19.29
CA THR C 212 -40.36 -26.51 -18.00
C THR C 212 -41.52 -25.73 -17.39
N THR C 213 -41.78 -25.97 -16.11
CA THR C 213 -42.79 -25.20 -15.39
C THR C 213 -42.28 -23.78 -15.12
N LEU C 214 -43.20 -22.82 -15.16
CA LEU C 214 -42.85 -21.42 -15.00
C LEU C 214 -43.60 -20.81 -13.82
N ILE C 215 -42.88 -19.96 -13.09
CA ILE C 215 -43.47 -19.02 -12.15
C ILE C 215 -43.07 -17.62 -12.58
N MET C 216 -44.07 -16.76 -12.75
CA MET C 216 -43.87 -15.46 -13.38
C MET C 216 -44.36 -14.38 -12.44
N VAL C 217 -43.53 -13.37 -12.22
CA VAL C 217 -43.90 -12.20 -11.45
C VAL C 217 -43.85 -11.02 -12.42
N THR C 218 -45.00 -10.38 -12.64
CA THR C 218 -45.09 -9.32 -13.63
C THR C 218 -46.30 -8.44 -13.30
N HIS C 219 -46.08 -7.13 -13.25
CA HIS C 219 -47.20 -6.22 -13.09
C HIS C 219 -48.06 -6.15 -14.35
N ASP C 220 -47.44 -6.31 -15.51
CA ASP C 220 -48.18 -6.26 -16.77
C ASP C 220 -49.12 -7.45 -16.87
N LEU C 221 -50.32 -7.21 -17.39
CA LEU C 221 -51.37 -8.22 -17.39
C LEU C 221 -51.32 -9.11 -18.62
N GLN C 222 -50.81 -8.60 -19.74
CA GLN C 222 -50.81 -9.40 -20.97
C GLN C 222 -49.88 -10.60 -20.86
N LEU C 223 -48.80 -10.48 -20.09
CA LEU C 223 -47.94 -11.64 -19.84
C LEU C 223 -48.71 -12.72 -19.10
N ALA C 224 -49.50 -12.34 -18.09
CA ALA C 224 -50.32 -13.30 -17.38
C ALA C 224 -51.37 -13.90 -18.31
N ALA C 225 -51.95 -13.09 -19.19
CA ALA C 225 -52.90 -13.60 -20.16
C ALA C 225 -52.25 -14.65 -21.05
N ARG C 226 -51.00 -14.41 -21.45
CA ARG C 226 -50.27 -15.42 -22.20
C ARG C 226 -50.00 -16.66 -21.37
N CYS C 227 -49.83 -16.49 -20.05
CA CYS C 227 -49.57 -17.62 -19.17
C CYS C 227 -50.80 -18.52 -19.07
N ASP C 228 -50.55 -19.78 -18.73
CA ASP C 228 -51.65 -20.73 -18.56
C ASP C 228 -52.58 -20.31 -17.43
N ARG C 229 -52.01 -19.90 -16.30
CA ARG C 229 -52.81 -19.44 -15.18
C ARG C 229 -52.27 -18.13 -14.65
N CYS C 230 -53.17 -17.33 -14.10
CA CYS C 230 -52.83 -16.06 -13.48
C CYS C 230 -53.37 -16.04 -12.05
N LEU C 231 -52.55 -15.60 -11.11
CA LEU C 231 -52.92 -15.55 -9.71
C LEU C 231 -52.55 -14.19 -9.15
N ARG C 232 -53.51 -13.53 -8.50
CA ARG C 232 -53.30 -12.22 -7.95
C ARG C 232 -52.87 -12.31 -6.49
N LEU C 233 -51.94 -11.44 -6.10
CA LEU C 233 -51.50 -11.34 -4.72
C LEU C 233 -52.13 -10.10 -4.10
N VAL C 234 -52.97 -10.30 -3.09
CA VAL C 234 -53.62 -9.21 -2.37
C VAL C 234 -53.40 -9.43 -0.89
N ASN C 235 -52.68 -8.50 -0.25
CA ASN C 235 -52.47 -8.51 1.20
C ASN C 235 -51.92 -9.85 1.68
N GLY C 236 -50.89 -10.34 0.98
CA GLY C 236 -50.31 -11.62 1.33
C GLY C 236 -51.27 -12.78 1.17
N GLN C 237 -52.17 -12.70 0.20
CA GLN C 237 -53.17 -13.73 -0.03
C GLN C 237 -53.26 -13.99 -1.52
N LEU C 238 -53.43 -15.26 -1.90
CA LEU C 238 -53.49 -15.66 -3.29
C LEU C 238 -54.94 -15.77 -3.73
N GLN C 239 -55.25 -15.18 -4.88
CA GLN C 239 -56.59 -15.23 -5.44
C GLN C 239 -56.51 -15.71 -6.88
N GLU C 240 -57.41 -16.61 -7.25
CA GLU C 240 -57.42 -17.10 -8.62
C GLU C 240 -57.91 -16.02 -9.59
N GLU C 241 -57.28 -15.96 -10.75
CA GLU C 241 -57.66 -14.98 -11.77
C GLU C 241 -57.85 -15.66 -13.12
#